data_1DJX
#
_entry.id   1DJX
#
_cell.length_a   397.540
_cell.length_b   397.540
_cell.length_c   397.540
_cell.angle_alpha   90.00
_cell.angle_beta   90.00
_cell.angle_gamma   90.00
#
_symmetry.space_group_name_H-M   'F 41 3 2'
#
loop_
_entity.id
_entity.type
_entity.pdbx_description
1 polymer 'PHOSPHOINOSITIDE-SPECIFIC PHOSPHOLIPASE C, ISOZYME DELTA1'
2 non-polymer 'CALCIUM ION'
3 non-polymer 'ACETATE ION'
4 non-polymer D-MYO-INOSITOL-1,4,5-TRIPHOSPHATE
5 water water
#
_entity_poly.entity_id   1
_entity_poly.type   'polypeptide(L)'
_entity_poly.pdbx_seq_one_letter_code
;GSMDQRQKLQHWIHSCLRKADKNKDNKMNFKELKDFLKELNIQVDDGYARKIFRECDHSQTDSLEDEEIETFYKMLTQRA
EIDRAFEEAAGSAETLSVERLVTFLQHQQREEEAGPALALSLIERYEPSETAKAQRQMTKDGFLMYLLSADGNAFSLAHR
RVYQDMDQPLSHYLVSSSHNTYLLEDQLTGPSSTEAYIRALCKGCRCLELDCWDGPNQEPIIYHGYTFTSKILFCDVLRA
IRDYAFKASPYPVILSLENHCSLEQQRVMARHLRAILGPILLDQPLDGVTTSLPSPEQLKGKILLKGKKLGGLLPAGGEN
GSEATDVSDEVEAAEMEDEAVRSQVQHKPKEDKLKLVPELSDMIIYCKSVHFGGFSSPGTSGQAFYEMASFSESRALRLL
QESGNGFVRHNVSCLSRIYPAGWRTDSSNYSPVEMWNGGCQIVALNFQTPGPEMDVYLGCFQDNGGCGYVLKPAFLRDPN
TTFNSRALTQGPWWRPERLRVRIISGQQLPKVNKNKNSIVDPKVIVEIHGVGRDTGSRQTAVITNNGFNPRWDMEFEFEV
TVPDLALVRFMVEDYDSSSKNDFIGQSTIPWNSLKQGYRHVHLLSKNGDQHPSATLFVKISIQD
;
_entity_poly.pdbx_strand_id   A,B
#
loop_
_chem_comp.id
_chem_comp.type
_chem_comp.name
_chem_comp.formula
ACT non-polymer 'ACETATE ION' 'C2 H3 O2 -1'
CA non-polymer 'CALCIUM ION' 'Ca 2'
I3P non-polymer D-MYO-INOSITOL-1,4,5-TRIPHOSPHATE 'C6 H15 O15 P3'
#
# COMPACT_ATOMS: atom_id res chain seq x y z
N GLU A 68 30.24 1.12 -39.23
CA GLU A 68 29.12 0.49 -39.95
C GLU A 68 29.34 -1.01 -39.83
N ILE A 69 30.48 -1.41 -40.39
CA ILE A 69 30.99 -2.79 -40.40
C ILE A 69 30.77 -3.37 -38.99
N GLU A 70 30.88 -2.48 -38.02
CA GLU A 70 30.66 -2.80 -36.62
C GLU A 70 29.42 -2.04 -36.17
N THR A 71 29.45 -0.70 -36.38
CA THR A 71 28.37 0.27 -36.03
C THR A 71 27.02 -0.40 -36.12
N PHE A 72 26.61 -0.55 -37.37
CA PHE A 72 25.44 -1.27 -37.79
C PHE A 72 25.40 -2.61 -37.01
N TYR A 73 26.41 -3.45 -37.27
CA TYR A 73 26.58 -4.75 -36.64
C TYR A 73 26.26 -4.82 -35.15
N LYS A 74 27.01 -4.04 -34.38
CA LYS A 74 26.80 -4.04 -32.94
C LYS A 74 25.63 -3.16 -32.56
N MET A 75 25.32 -2.15 -33.38
CA MET A 75 24.18 -1.27 -33.04
C MET A 75 22.87 -2.01 -33.21
N LEU A 76 22.80 -2.84 -34.24
CA LEU A 76 21.59 -3.61 -34.47
C LEU A 76 21.54 -4.61 -33.35
N THR A 77 22.71 -5.11 -32.99
CA THR A 77 22.85 -6.09 -31.94
C THR A 77 23.14 -5.45 -30.61
N GLN A 78 22.49 -4.33 -30.33
CA GLN A 78 22.72 -3.63 -29.09
C GLN A 78 21.42 -3.61 -28.30
N ARG A 79 21.51 -3.86 -26.99
CA ARG A 79 20.34 -3.90 -26.14
C ARG A 79 20.47 -3.08 -24.86
N ALA A 80 20.13 -1.81 -24.97
CA ALA A 80 20.22 -0.87 -23.85
C ALA A 80 19.67 -1.36 -22.53
N GLU A 81 18.51 -1.99 -22.60
CA GLU A 81 17.84 -2.49 -21.41
C GLU A 81 18.78 -3.48 -20.74
N ILE A 82 19.53 -4.21 -21.56
CA ILE A 82 20.48 -5.16 -21.03
C ILE A 82 21.66 -4.39 -20.44
N ASP A 83 22.09 -3.36 -21.16
CA ASP A 83 23.16 -2.51 -20.71
C ASP A 83 22.81 -1.97 -19.34
N ARG A 84 21.64 -1.36 -19.25
CA ARG A 84 21.19 -0.78 -18.00
C ARG A 84 21.23 -1.78 -16.87
N ALA A 85 20.61 -2.93 -17.11
CA ALA A 85 20.57 -3.99 -16.09
C ALA A 85 21.95 -4.39 -15.65
N PHE A 86 22.84 -4.53 -16.62
CA PHE A 86 24.19 -4.91 -16.29
C PHE A 86 24.83 -3.84 -15.45
N GLU A 87 24.74 -2.60 -15.93
CA GLU A 87 25.31 -1.45 -15.27
C GLU A 87 24.84 -1.45 -13.85
N GLU A 88 23.55 -1.63 -13.66
CA GLU A 88 23.01 -1.63 -12.32
C GLU A 88 23.69 -2.66 -11.47
N ALA A 89 23.65 -3.89 -11.91
CA ALA A 89 24.22 -4.96 -11.13
C ALA A 89 25.69 -4.75 -10.91
N ALA A 90 26.34 -4.13 -11.88
CA ALA A 90 27.79 -3.94 -11.86
C ALA A 90 28.31 -2.59 -11.36
N GLY A 91 27.53 -1.53 -11.58
CA GLY A 91 27.93 -0.21 -11.15
C GLY A 91 29.14 0.27 -11.98
N SER A 92 30.09 0.89 -11.28
CA SER A 92 31.33 1.43 -11.86
C SER A 92 32.03 0.43 -12.75
N ALA A 93 32.28 -0.74 -12.16
CA ALA A 93 32.98 -1.86 -12.76
C ALA A 93 32.48 -2.29 -14.12
N GLU A 94 33.37 -2.95 -14.84
CA GLU A 94 33.06 -3.42 -16.17
C GLU A 94 32.74 -4.89 -16.15
N THR A 95 32.71 -5.45 -14.96
CA THR A 95 32.39 -6.86 -14.82
C THR A 95 31.69 -7.13 -13.51
N LEU A 96 31.11 -8.32 -13.40
CA LEU A 96 30.42 -8.67 -12.18
C LEU A 96 31.25 -9.67 -11.44
N SER A 97 31.60 -9.31 -10.23
CA SER A 97 32.35 -10.19 -9.36
C SER A 97 31.33 -11.13 -8.81
N VAL A 98 31.81 -12.26 -8.31
CA VAL A 98 30.93 -13.26 -7.70
C VAL A 98 30.01 -12.62 -6.68
N GLU A 99 30.59 -11.73 -5.91
CA GLU A 99 29.86 -11.03 -4.90
C GLU A 99 28.76 -10.21 -5.53
N ARG A 100 29.06 -9.41 -6.54
CA ARG A 100 28.03 -8.60 -7.19
C ARG A 100 26.98 -9.50 -7.85
N LEU A 101 27.44 -10.60 -8.43
CA LEU A 101 26.55 -11.51 -9.08
C LEU A 101 25.58 -12.11 -8.06
N VAL A 102 26.12 -12.57 -6.95
CA VAL A 102 25.31 -13.16 -5.92
C VAL A 102 24.32 -12.11 -5.45
N THR A 103 24.75 -10.87 -5.39
CA THR A 103 23.82 -9.85 -4.97
C THR A 103 22.67 -9.75 -5.95
N PHE A 104 22.99 -9.79 -7.24
CA PHE A 104 21.99 -9.68 -8.31
C PHE A 104 21.00 -10.83 -8.22
N LEU A 105 21.55 -12.02 -8.04
CA LEU A 105 20.75 -13.22 -7.95
C LEU A 105 19.72 -13.19 -6.86
N GLN A 106 20.11 -12.56 -5.76
CA GLN A 106 19.29 -12.45 -4.59
C GLN A 106 18.37 -11.28 -4.70
N HIS A 107 18.93 -10.11 -4.91
CA HIS A 107 18.11 -8.94 -4.93
C HIS A 107 17.17 -8.89 -6.10
N GLN A 108 17.72 -9.09 -7.29
CA GLN A 108 16.95 -9.00 -8.52
C GLN A 108 16.26 -10.31 -8.89
N GLN A 109 17.04 -11.36 -9.06
CA GLN A 109 16.48 -12.64 -9.46
C GLN A 109 15.78 -13.41 -8.38
N ARG A 110 15.87 -12.88 -7.17
CA ARG A 110 15.31 -13.51 -5.98
C ARG A 110 15.53 -14.98 -5.92
N GLU A 111 16.72 -15.40 -6.29
CA GLU A 111 17.01 -16.82 -6.23
C GLU A 111 17.11 -17.19 -4.77
N GLU A 112 16.59 -18.35 -4.43
CA GLU A 112 16.63 -18.78 -3.03
C GLU A 112 17.92 -19.54 -2.75
N GLU A 113 18.48 -20.10 -3.81
CA GLU A 113 19.75 -20.78 -3.72
C GLU A 113 20.85 -19.77 -4.08
N ALA A 114 20.53 -18.49 -3.99
CA ALA A 114 21.48 -17.44 -4.32
C ALA A 114 22.69 -17.59 -3.41
N GLY A 115 23.85 -17.71 -4.03
CA GLY A 115 25.08 -17.87 -3.31
C GLY A 115 26.18 -18.08 -4.31
N PRO A 116 27.39 -18.12 -3.79
CA PRO A 116 28.59 -18.30 -4.59
C PRO A 116 28.50 -19.50 -5.50
N ALA A 117 27.98 -20.60 -4.98
CA ALA A 117 27.86 -21.83 -5.75
C ALA A 117 27.05 -21.61 -7.03
N LEU A 118 25.90 -20.99 -6.88
CA LEU A 118 25.06 -20.72 -8.02
C LEU A 118 25.79 -19.75 -8.94
N ALA A 119 26.24 -18.63 -8.38
CA ALA A 119 26.98 -17.63 -9.14
C ALA A 119 28.12 -18.26 -9.96
N LEU A 120 28.90 -19.10 -9.31
CA LEU A 120 30.01 -19.72 -9.99
C LEU A 120 29.58 -20.64 -11.08
N SER A 121 28.50 -21.35 -10.87
CA SER A 121 28.09 -22.26 -11.91
C SER A 121 27.53 -21.45 -13.06
N LEU A 122 26.92 -20.31 -12.77
CA LEU A 122 26.38 -19.50 -13.85
C LEU A 122 27.53 -19.01 -14.70
N ILE A 123 28.57 -18.53 -14.03
CA ILE A 123 29.75 -18.04 -14.69
C ILE A 123 30.41 -19.14 -15.49
N GLU A 124 30.60 -20.29 -14.87
CA GLU A 124 31.24 -21.39 -15.55
C GLU A 124 30.50 -21.75 -16.81
N ARG A 125 29.19 -21.80 -16.69
CA ARG A 125 28.32 -22.16 -17.77
C ARG A 125 28.16 -21.13 -18.85
N TYR A 126 28.02 -19.86 -18.49
CA TYR A 126 27.70 -18.86 -19.48
C TYR A 126 28.70 -17.80 -19.85
N GLU A 127 29.76 -17.65 -19.05
CA GLU A 127 30.74 -16.61 -19.33
C GLU A 127 31.57 -16.98 -20.54
N PRO A 128 31.52 -16.13 -21.55
CA PRO A 128 32.25 -16.38 -22.77
C PRO A 128 33.76 -16.03 -22.62
N SER A 129 34.07 -14.97 -21.88
CA SER A 129 35.46 -14.56 -21.69
C SER A 129 36.29 -15.48 -20.84
N GLU A 130 37.37 -15.96 -21.42
CA GLU A 130 38.21 -16.89 -20.71
C GLU A 130 38.84 -16.21 -19.52
N THR A 131 39.20 -14.97 -19.71
CA THR A 131 39.80 -14.23 -18.66
C THR A 131 38.84 -14.14 -17.50
N ALA A 132 37.70 -13.51 -17.71
CA ALA A 132 36.70 -13.35 -16.67
C ALA A 132 36.29 -14.69 -16.03
N LYS A 133 36.14 -15.72 -16.85
CA LYS A 133 35.75 -17.03 -16.36
C LYS A 133 36.74 -17.47 -15.30
N ALA A 134 37.99 -17.59 -15.70
CA ALA A 134 39.05 -18.01 -14.82
C ALA A 134 39.09 -17.14 -13.58
N GLN A 135 38.92 -15.84 -13.75
CA GLN A 135 38.96 -14.93 -12.63
C GLN A 135 37.65 -14.78 -11.86
N ARG A 136 36.73 -15.72 -12.05
CA ARG A 136 35.46 -15.71 -11.37
C ARG A 136 34.66 -14.45 -11.55
N GLN A 137 34.52 -14.03 -12.80
CA GLN A 137 33.76 -12.82 -13.10
C GLN A 137 32.86 -13.04 -14.29
N MET A 138 31.86 -12.19 -14.39
CA MET A 138 30.90 -12.25 -15.48
C MET A 138 30.91 -10.95 -16.22
N THR A 139 31.06 -11.04 -17.54
CA THR A 139 31.04 -9.86 -18.37
C THR A 139 29.61 -9.56 -18.80
N LYS A 140 29.40 -8.47 -19.49
CA LYS A 140 28.09 -8.16 -19.93
C LYS A 140 27.61 -9.26 -20.85
N ASP A 141 28.51 -9.78 -21.64
CA ASP A 141 28.13 -10.84 -22.55
C ASP A 141 27.69 -12.06 -21.84
N GLY A 142 28.41 -12.43 -20.79
CA GLY A 142 28.05 -13.59 -20.01
C GLY A 142 26.72 -13.32 -19.34
N PHE A 143 26.49 -12.06 -18.99
CA PHE A 143 25.26 -11.64 -18.34
C PHE A 143 24.09 -11.93 -19.29
N LEU A 144 24.23 -11.48 -20.52
CA LEU A 144 23.22 -11.71 -21.53
C LEU A 144 23.02 -13.20 -21.74
N MET A 145 24.08 -13.94 -21.95
CA MET A 145 23.94 -15.36 -22.16
C MET A 145 23.22 -16.05 -21.06
N TYR A 146 23.47 -15.65 -19.82
CA TYR A 146 22.77 -16.29 -18.74
C TYR A 146 21.29 -15.93 -18.85
N LEU A 147 21.03 -14.67 -19.13
CA LEU A 147 19.68 -14.20 -19.21
C LEU A 147 18.90 -14.87 -20.30
N LEU A 148 19.58 -15.26 -21.37
CA LEU A 148 18.91 -15.87 -22.50
C LEU A 148 18.87 -17.37 -22.40
N SER A 149 19.51 -17.91 -21.36
CA SER A 149 19.59 -19.35 -21.21
C SER A 149 18.39 -19.94 -20.49
N ALA A 150 18.45 -21.26 -20.29
CA ALA A 150 17.42 -21.96 -19.56
C ALA A 150 17.33 -21.47 -18.13
N ASP A 151 18.41 -20.87 -17.64
CA ASP A 151 18.47 -20.35 -16.28
C ASP A 151 17.86 -18.99 -16.24
N GLY A 152 17.89 -18.29 -17.38
CA GLY A 152 17.33 -16.93 -17.44
C GLY A 152 15.88 -16.96 -17.88
N ASN A 153 15.39 -18.18 -18.13
CA ASN A 153 14.03 -18.45 -18.58
C ASN A 153 12.99 -18.15 -17.51
N ALA A 154 11.95 -17.40 -17.88
CA ALA A 154 10.86 -17.04 -16.94
C ALA A 154 10.17 -18.28 -16.44
N PHE A 155 10.31 -19.36 -17.20
CA PHE A 155 9.73 -20.62 -16.80
C PHE A 155 10.83 -21.40 -16.04
N SER A 156 10.63 -21.59 -14.74
CA SER A 156 11.59 -22.27 -13.89
C SER A 156 12.26 -23.52 -14.43
N LEU A 157 13.54 -23.43 -14.68
CA LEU A 157 14.30 -24.55 -15.16
C LEU A 157 14.15 -25.70 -14.19
N ALA A 158 14.04 -25.39 -12.92
CA ALA A 158 13.92 -26.45 -11.92
C ALA A 158 12.65 -27.27 -12.09
N HIS A 159 11.60 -26.66 -12.61
CA HIS A 159 10.32 -27.37 -12.73
C HIS A 159 10.25 -28.08 -14.04
N ARG A 160 11.29 -27.93 -14.82
CA ARG A 160 11.30 -28.56 -16.11
C ARG A 160 11.83 -29.99 -16.06
N ARG A 161 11.82 -30.55 -14.87
CA ARG A 161 12.21 -31.94 -14.68
C ARG A 161 11.21 -32.41 -13.66
N VAL A 162 10.98 -33.72 -13.61
CA VAL A 162 10.02 -34.24 -12.65
C VAL A 162 10.52 -34.00 -11.26
N TYR A 163 9.80 -33.22 -10.50
CA TYR A 163 10.26 -32.91 -9.17
C TYR A 163 9.16 -33.10 -8.13
N GLN A 164 7.94 -33.31 -8.60
CA GLN A 164 6.86 -33.45 -7.63
C GLN A 164 6.75 -34.84 -7.04
N ASP A 165 5.88 -34.95 -6.05
CA ASP A 165 5.61 -36.22 -5.39
C ASP A 165 4.73 -37.10 -6.27
N MET A 166 5.35 -38.09 -6.88
CA MET A 166 4.65 -39.01 -7.78
C MET A 166 4.13 -40.29 -7.13
N ASP A 167 3.90 -40.24 -5.83
CA ASP A 167 3.44 -41.44 -5.10
C ASP A 167 2.02 -41.39 -4.57
N GLN A 168 1.27 -40.35 -4.93
CA GLN A 168 -0.08 -40.29 -4.47
C GLN A 168 -0.98 -40.93 -5.51
N PRO A 169 -2.21 -41.21 -5.12
CA PRO A 169 -3.17 -41.83 -5.99
C PRO A 169 -3.43 -40.93 -7.17
N LEU A 170 -3.63 -41.55 -8.33
CA LEU A 170 -3.89 -40.84 -9.59
C LEU A 170 -4.83 -39.65 -9.44
N SER A 171 -5.85 -39.80 -8.62
CA SER A 171 -6.83 -38.73 -8.43
C SER A 171 -6.26 -37.44 -7.86
N HIS A 172 -4.99 -37.45 -7.45
CA HIS A 172 -4.33 -36.27 -6.87
C HIS A 172 -3.54 -35.44 -7.85
N TYR A 173 -3.58 -35.87 -9.11
CA TYR A 173 -2.84 -35.19 -10.16
C TYR A 173 -3.77 -34.74 -11.28
N LEU A 174 -3.40 -33.67 -11.97
CA LEU A 174 -4.12 -33.28 -13.14
C LEU A 174 -3.43 -34.19 -14.13
N VAL A 175 -4.18 -34.72 -15.10
CA VAL A 175 -3.62 -35.64 -16.09
C VAL A 175 -3.80 -35.10 -17.49
N SER A 176 -2.72 -35.10 -18.26
CA SER A 176 -2.80 -34.59 -19.62
C SER A 176 -3.72 -35.52 -20.41
N SER A 177 -4.84 -34.97 -20.89
CA SER A 177 -5.85 -35.75 -21.59
C SER A 177 -6.36 -35.13 -22.84
N SER A 178 -6.66 -35.96 -23.82
CA SER A 178 -7.13 -35.49 -25.12
C SER A 178 -8.47 -36.07 -25.44
N HIS A 179 -9.17 -35.40 -26.34
CA HIS A 179 -10.48 -35.81 -26.72
C HIS A 179 -10.48 -36.24 -28.18
N ASN A 180 -11.07 -37.42 -28.44
CA ASN A 180 -11.15 -38.03 -29.80
C ASN A 180 -9.85 -37.87 -30.51
N THR A 181 -8.86 -38.39 -29.81
CA THR A 181 -7.46 -38.31 -30.18
C THR A 181 -7.12 -38.65 -31.59
N TYR A 182 -7.92 -39.52 -32.18
CA TYR A 182 -7.68 -39.94 -33.55
C TYR A 182 -7.86 -38.88 -34.59
N LEU A 183 -8.54 -37.79 -34.22
CA LEU A 183 -8.85 -36.73 -35.18
C LEU A 183 -7.80 -35.69 -35.39
N LEU A 184 -7.62 -35.28 -36.64
CA LEU A 184 -6.63 -34.30 -37.00
C LEU A 184 -7.29 -32.95 -37.21
N GLU A 185 -8.55 -32.98 -37.60
CA GLU A 185 -9.24 -31.74 -37.84
C GLU A 185 -10.57 -31.62 -37.09
N ASP A 186 -11.64 -31.33 -37.85
CA ASP A 186 -12.99 -31.16 -37.29
C ASP A 186 -13.61 -32.49 -36.88
N GLN A 187 -14.77 -32.43 -36.25
CA GLN A 187 -15.43 -33.63 -35.76
C GLN A 187 -16.39 -34.33 -36.71
N LEU A 188 -16.61 -33.75 -37.89
CA LEU A 188 -17.62 -34.26 -38.81
C LEU A 188 -17.15 -34.88 -40.10
N THR A 189 -16.15 -34.30 -40.72
CA THR A 189 -15.71 -34.82 -41.99
C THR A 189 -14.20 -34.90 -42.14
N GLY A 190 -13.47 -34.41 -41.13
CA GLY A 190 -12.02 -34.34 -41.17
C GLY A 190 -11.38 -35.70 -41.03
N PRO A 191 -10.08 -35.74 -41.25
CA PRO A 191 -9.40 -37.02 -41.22
C PRO A 191 -9.03 -37.52 -39.86
N SER A 192 -8.89 -38.84 -39.75
CA SER A 192 -8.45 -39.52 -38.53
C SER A 192 -7.11 -40.12 -38.91
N SER A 193 -6.24 -40.35 -37.94
CA SER A 193 -4.93 -40.92 -38.25
C SER A 193 -4.14 -41.32 -37.05
N THR A 194 -3.30 -42.34 -37.22
CA THR A 194 -2.45 -42.77 -36.13
C THR A 194 -1.54 -41.60 -35.78
N GLU A 195 -1.27 -40.77 -36.77
CA GLU A 195 -0.43 -39.60 -36.53
C GLU A 195 -1.00 -38.76 -35.40
N ALA A 196 -2.32 -38.65 -35.35
CA ALA A 196 -2.91 -37.82 -34.34
C ALA A 196 -2.55 -38.29 -32.97
N TYR A 197 -2.41 -39.60 -32.82
CA TYR A 197 -2.04 -40.18 -31.52
C TYR A 197 -0.58 -39.94 -31.20
N ILE A 198 0.26 -40.05 -32.22
CA ILE A 198 1.68 -39.83 -32.04
C ILE A 198 1.91 -38.41 -31.62
N ARG A 199 1.30 -37.47 -32.34
CA ARG A 199 1.44 -36.05 -31.99
C ARG A 199 1.07 -35.80 -30.55
N ALA A 200 -0.09 -36.28 -30.15
CA ALA A 200 -0.52 -36.04 -28.78
C ALA A 200 0.43 -36.62 -27.78
N LEU A 201 0.88 -37.82 -28.08
CA LEU A 201 1.78 -38.50 -27.19
C LEU A 201 3.08 -37.75 -27.16
N CYS A 202 3.50 -37.24 -28.28
CA CYS A 202 4.74 -36.49 -28.27
C CYS A 202 4.55 -35.19 -27.51
N LYS A 203 3.31 -34.72 -27.36
CA LYS A 203 3.05 -33.49 -26.62
C LYS A 203 2.84 -33.80 -25.18
N GLY A 204 3.14 -35.03 -24.80
CA GLY A 204 3.04 -35.46 -23.41
C GLY A 204 1.68 -35.97 -22.97
N CYS A 205 0.72 -36.05 -23.88
CA CYS A 205 -0.59 -36.50 -23.46
C CYS A 205 -0.55 -37.89 -22.82
N ARG A 206 -1.28 -38.05 -21.72
CA ARG A 206 -1.31 -39.35 -21.02
C ARG A 206 -2.61 -40.10 -21.26
N CYS A 207 -3.70 -39.38 -21.37
CA CYS A 207 -4.98 -40.05 -21.54
C CYS A 207 -5.55 -39.87 -22.94
N LEU A 208 -5.57 -40.98 -23.67
CA LEU A 208 -5.99 -41.00 -25.07
C LEU A 208 -7.38 -41.62 -25.28
N GLU A 209 -8.05 -41.15 -26.33
CA GLU A 209 -9.39 -41.61 -26.61
C GLU A 209 -9.49 -42.43 -27.86
N LEU A 210 -10.13 -43.58 -27.74
CA LEU A 210 -10.32 -44.49 -28.88
C LEU A 210 -11.80 -44.84 -29.06
N ASP A 211 -12.38 -44.41 -30.18
CA ASP A 211 -13.78 -44.70 -30.50
C ASP A 211 -13.80 -45.91 -31.43
N CYS A 212 -14.10 -47.06 -30.84
CA CYS A 212 -14.09 -48.32 -31.54
C CYS A 212 -15.41 -48.73 -32.14
N TRP A 213 -15.32 -49.01 -33.42
CA TRP A 213 -16.45 -49.44 -34.21
C TRP A 213 -16.03 -50.68 -35.00
N ASP A 214 -17.01 -51.48 -35.39
CA ASP A 214 -16.80 -52.69 -36.18
C ASP A 214 -16.31 -52.33 -37.56
N GLY A 215 -15.33 -53.06 -38.05
CA GLY A 215 -14.82 -52.76 -39.38
C GLY A 215 -14.86 -53.97 -40.29
N PRO A 216 -14.61 -53.74 -41.57
CA PRO A 216 -14.61 -54.81 -42.54
C PRO A 216 -13.59 -55.83 -42.12
N ASN A 217 -13.66 -57.02 -42.73
CA ASN A 217 -12.74 -58.12 -42.49
C ASN A 217 -12.63 -58.44 -41.00
N GLN A 218 -13.63 -58.06 -40.23
CA GLN A 218 -13.55 -58.33 -38.80
C GLN A 218 -12.39 -57.59 -38.06
N GLU A 219 -12.01 -56.43 -38.56
CA GLU A 219 -10.97 -55.67 -37.89
C GLU A 219 -11.61 -54.36 -37.44
N PRO A 220 -11.66 -54.15 -36.12
CA PRO A 220 -12.26 -52.93 -35.59
C PRO A 220 -11.51 -51.71 -36.12
N ILE A 221 -12.29 -50.68 -36.42
CA ILE A 221 -11.76 -49.44 -36.89
C ILE A 221 -12.08 -48.36 -35.86
N ILE A 222 -11.49 -47.18 -36.03
CA ILE A 222 -11.69 -46.06 -35.12
C ILE A 222 -12.04 -44.90 -35.99
N TYR A 223 -13.06 -44.15 -35.56
CA TYR A 223 -13.50 -42.95 -36.27
C TYR A 223 -14.59 -42.33 -35.45
N HIS A 224 -15.07 -41.16 -35.86
CA HIS A 224 -16.08 -40.49 -35.05
C HIS A 224 -17.47 -40.97 -35.42
N GLY A 225 -18.03 -41.77 -34.53
CA GLY A 225 -19.34 -42.38 -34.72
C GLY A 225 -20.37 -41.40 -35.29
N TYR A 226 -21.06 -41.83 -36.33
CA TYR A 226 -22.12 -41.01 -36.93
C TYR A 226 -21.65 -39.78 -37.65
N THR A 227 -20.43 -39.80 -38.18
CA THR A 227 -19.97 -38.61 -38.90
C THR A 227 -19.29 -39.13 -40.11
N PHE A 228 -18.76 -38.23 -40.89
CA PHE A 228 -18.05 -38.59 -42.09
C PHE A 228 -16.55 -38.54 -41.89
N THR A 229 -16.09 -38.64 -40.64
CA THR A 229 -14.64 -38.60 -40.39
C THR A 229 -13.96 -39.84 -40.97
N SER A 230 -12.76 -39.66 -41.54
CA SER A 230 -12.04 -40.79 -42.12
C SER A 230 -11.81 -41.81 -41.05
N LYS A 231 -11.46 -43.04 -41.45
CA LYS A 231 -11.27 -44.14 -40.50
C LYS A 231 -9.85 -44.68 -40.44
N ILE A 232 -9.55 -45.42 -39.39
CA ILE A 232 -8.25 -46.04 -39.27
C ILE A 232 -8.46 -47.32 -38.48
N LEU A 233 -7.46 -48.18 -38.39
CA LEU A 233 -7.60 -49.43 -37.67
C LEU A 233 -7.24 -49.35 -36.24
N PHE A 234 -8.00 -50.07 -35.47
CA PHE A 234 -7.75 -50.14 -34.06
C PHE A 234 -6.34 -50.69 -33.80
N CYS A 235 -5.97 -51.75 -34.51
CA CYS A 235 -4.65 -52.32 -34.29
C CYS A 235 -3.54 -51.33 -34.66
N ASP A 236 -3.69 -50.67 -35.80
CA ASP A 236 -2.72 -49.71 -36.23
C ASP A 236 -2.56 -48.67 -35.11
N VAL A 237 -3.68 -48.30 -34.50
CA VAL A 237 -3.65 -47.32 -33.43
C VAL A 237 -2.87 -47.84 -32.24
N LEU A 238 -3.06 -49.10 -31.94
CA LEU A 238 -2.36 -49.66 -30.79
C LEU A 238 -0.84 -49.73 -30.92
N ARG A 239 -0.38 -49.99 -32.13
CA ARG A 239 1.06 -50.07 -32.43
C ARG A 239 1.71 -48.71 -32.24
N ALA A 240 1.05 -47.70 -32.78
CA ALA A 240 1.50 -46.34 -32.66
C ALA A 240 1.59 -45.97 -31.20
N ILE A 241 0.57 -46.32 -30.46
CA ILE A 241 0.55 -45.99 -29.05
C ILE A 241 1.69 -46.71 -28.36
N ARG A 242 1.86 -47.96 -28.77
CA ARG A 242 2.90 -48.81 -28.24
C ARG A 242 4.24 -48.15 -28.43
N ASP A 243 4.46 -47.65 -29.62
CA ASP A 243 5.71 -47.01 -29.89
C ASP A 243 5.96 -45.67 -29.20
N TYR A 244 4.92 -44.88 -28.97
CA TYR A 244 5.18 -43.57 -28.43
C TYR A 244 4.73 -43.30 -27.06
N ALA A 245 4.06 -44.27 -26.46
CA ALA A 245 3.49 -44.11 -25.14
C ALA A 245 4.37 -43.45 -24.13
N PHE A 246 5.64 -43.82 -24.15
CA PHE A 246 6.58 -43.31 -23.17
C PHE A 246 7.74 -42.50 -23.70
N LYS A 247 7.58 -42.02 -24.91
CA LYS A 247 8.59 -41.19 -25.46
C LYS A 247 8.74 -39.93 -24.61
N ALA A 248 7.63 -39.30 -24.24
CA ALA A 248 7.67 -38.03 -23.50
C ALA A 248 7.67 -38.15 -21.99
N SER A 249 7.26 -39.31 -21.51
CA SER A 249 7.16 -39.49 -20.09
C SER A 249 7.14 -40.96 -19.87
N PRO A 250 7.52 -41.36 -18.67
CA PRO A 250 7.53 -42.75 -18.30
C PRO A 250 6.25 -43.08 -17.55
N TYR A 251 5.46 -42.06 -17.24
CA TYR A 251 4.24 -42.29 -16.49
C TYR A 251 3.10 -42.89 -17.30
N PRO A 252 2.20 -43.58 -16.61
CA PRO A 252 1.10 -44.31 -17.24
C PRO A 252 0.21 -43.62 -18.26
N VAL A 253 -0.08 -44.35 -19.32
CA VAL A 253 -0.98 -43.90 -20.36
C VAL A 253 -2.33 -44.58 -20.13
N ILE A 254 -3.42 -43.84 -20.29
CA ILE A 254 -4.75 -44.39 -20.09
C ILE A 254 -5.50 -44.28 -21.38
N LEU A 255 -6.07 -45.38 -21.81
CA LEU A 255 -6.81 -45.40 -23.05
C LEU A 255 -8.28 -45.37 -22.72
N SER A 256 -8.95 -44.31 -23.15
CA SER A 256 -10.37 -44.21 -22.89
C SER A 256 -11.05 -44.83 -24.11
N LEU A 257 -11.66 -45.99 -23.89
CA LEU A 257 -12.32 -46.72 -24.96
C LEU A 257 -13.78 -46.40 -24.98
N GLU A 258 -14.25 -45.93 -26.11
CA GLU A 258 -15.65 -45.65 -26.30
C GLU A 258 -15.96 -46.79 -27.26
N ASN A 259 -16.60 -47.81 -26.71
CA ASN A 259 -16.85 -49.05 -27.43
C ASN A 259 -18.17 -49.22 -28.15
N HIS A 260 -18.13 -49.29 -29.46
CA HIS A 260 -19.33 -49.46 -30.25
C HIS A 260 -19.17 -50.74 -31.04
N CYS A 261 -18.28 -51.61 -30.57
CA CYS A 261 -18.02 -52.83 -31.30
C CYS A 261 -18.95 -53.98 -30.94
N SER A 262 -19.17 -54.84 -31.93
CA SER A 262 -19.95 -56.04 -31.72
C SER A 262 -19.16 -56.94 -30.78
N LEU A 263 -19.81 -58.00 -30.33
CA LEU A 263 -19.16 -58.89 -29.38
C LEU A 263 -17.94 -59.53 -29.96
N GLU A 264 -18.03 -59.90 -31.22
CA GLU A 264 -16.88 -60.52 -31.84
C GLU A 264 -15.70 -59.55 -31.99
N GLN A 265 -15.97 -58.37 -32.56
CA GLN A 265 -14.92 -57.39 -32.74
C GLN A 265 -14.38 -56.95 -31.39
N GLN A 266 -15.19 -57.03 -30.34
CA GLN A 266 -14.69 -56.69 -29.00
C GLN A 266 -13.63 -57.70 -28.65
N ARG A 267 -13.87 -58.91 -29.09
CA ARG A 267 -12.92 -59.97 -28.82
C ARG A 267 -11.63 -59.72 -29.55
N VAL A 268 -11.76 -59.30 -30.81
CA VAL A 268 -10.61 -58.91 -31.58
C VAL A 268 -9.87 -57.76 -30.88
N MET A 269 -10.60 -56.79 -30.34
CA MET A 269 -9.99 -55.69 -29.61
C MET A 269 -9.11 -56.22 -28.50
N ALA A 270 -9.69 -57.09 -27.68
CA ALA A 270 -8.95 -57.67 -26.56
C ALA A 270 -7.74 -58.41 -27.01
N ARG A 271 -7.87 -59.08 -28.14
CA ARG A 271 -6.74 -59.85 -28.65
C ARG A 271 -5.60 -58.94 -29.02
N HIS A 272 -5.93 -57.94 -29.82
CA HIS A 272 -4.96 -56.96 -30.26
C HIS A 272 -4.29 -56.29 -29.08
N LEU A 273 -5.11 -55.97 -28.09
CA LEU A 273 -4.63 -55.28 -26.92
C LEU A 273 -3.50 -56.05 -26.28
N ARG A 274 -3.81 -57.29 -26.00
CA ARG A 274 -2.89 -58.18 -25.36
C ARG A 274 -1.69 -58.44 -26.21
N ALA A 275 -1.96 -58.77 -27.46
CA ALA A 275 -0.89 -59.09 -28.38
C ALA A 275 0.03 -57.95 -28.65
N ILE A 276 -0.56 -56.76 -28.79
CA ILE A 276 0.22 -55.60 -29.14
C ILE A 276 0.83 -54.93 -27.96
N LEU A 277 0.04 -54.67 -26.93
CA LEU A 277 0.57 -53.99 -25.78
C LEU A 277 1.44 -54.88 -24.96
N GLY A 278 1.09 -56.16 -24.98
CA GLY A 278 1.82 -57.14 -24.21
C GLY A 278 1.95 -56.73 -22.75
N PRO A 279 3.17 -56.85 -22.23
CA PRO A 279 3.46 -56.55 -20.84
C PRO A 279 3.22 -55.10 -20.44
N ILE A 280 3.19 -54.19 -21.40
CA ILE A 280 2.97 -52.80 -21.05
C ILE A 280 1.59 -52.67 -20.48
N LEU A 281 0.70 -53.48 -21.01
CA LEU A 281 -0.70 -53.44 -20.61
C LEU A 281 -0.94 -53.89 -19.20
N LEU A 282 -1.66 -53.06 -18.44
CA LEU A 282 -2.01 -53.44 -17.08
C LEU A 282 -3.28 -54.23 -17.18
N ASP A 283 -3.21 -55.52 -16.87
CA ASP A 283 -4.40 -56.34 -16.96
C ASP A 283 -4.80 -56.94 -15.62
N GLN A 284 -4.24 -56.41 -14.54
CA GLN A 284 -4.55 -56.91 -13.21
C GLN A 284 -4.21 -55.86 -12.17
N PRO A 285 -4.93 -55.87 -11.06
CA PRO A 285 -4.69 -54.92 -9.97
C PRO A 285 -3.30 -55.10 -9.45
N LEU A 286 -2.74 -54.02 -8.93
CA LEU A 286 -1.42 -54.06 -8.36
C LEU A 286 -1.65 -54.64 -6.97
N ASP A 287 -0.59 -55.19 -6.40
CA ASP A 287 -0.68 -55.73 -5.07
C ASP A 287 -0.92 -54.58 -4.10
N GLY A 288 -1.70 -54.85 -3.05
CA GLY A 288 -1.98 -53.86 -2.02
C GLY A 288 -2.79 -52.64 -2.46
N VAL A 289 -2.86 -52.41 -3.77
CA VAL A 289 -3.66 -51.30 -4.29
C VAL A 289 -5.10 -51.65 -3.89
N THR A 290 -5.42 -51.33 -2.64
CA THR A 290 -6.70 -51.68 -2.04
C THR A 290 -7.72 -50.56 -1.94
N THR A 291 -7.41 -49.55 -1.12
CA THR A 291 -8.34 -48.46 -0.87
C THR A 291 -8.27 -47.26 -1.80
N SER A 292 -7.13 -47.09 -2.46
CA SER A 292 -6.96 -45.94 -3.34
C SER A 292 -6.47 -46.39 -4.70
N LEU A 293 -6.44 -45.45 -5.63
CA LEU A 293 -5.93 -45.71 -6.95
C LEU A 293 -4.42 -45.79 -6.78
N PRO A 294 -3.74 -46.52 -7.66
CA PRO A 294 -2.29 -46.58 -7.60
C PRO A 294 -1.78 -45.18 -7.97
N SER A 295 -0.51 -44.94 -7.67
CA SER A 295 0.08 -43.66 -7.94
C SER A 295 0.71 -43.76 -9.34
N PRO A 296 1.16 -42.64 -9.87
CA PRO A 296 1.78 -42.65 -11.17
C PRO A 296 3.04 -43.50 -11.09
N GLU A 297 3.75 -43.41 -9.97
CA GLU A 297 4.96 -44.20 -9.81
C GLU A 297 4.64 -45.69 -9.92
N GLN A 298 3.65 -46.12 -9.14
CA GLN A 298 3.27 -47.54 -9.14
C GLN A 298 2.87 -48.02 -10.50
N LEU A 299 2.48 -47.11 -11.38
CA LEU A 299 1.97 -47.48 -12.70
C LEU A 299 2.92 -47.13 -13.83
N LYS A 300 4.14 -46.77 -13.45
CA LYS A 300 5.16 -46.38 -14.42
C LYS A 300 5.29 -47.41 -15.52
N GLY A 301 5.46 -46.96 -16.76
CA GLY A 301 5.61 -47.89 -17.87
C GLY A 301 4.35 -48.69 -18.24
N LYS A 302 3.22 -48.42 -17.59
CA LYS A 302 2.01 -49.17 -17.91
C LYS A 302 1.00 -48.38 -18.69
N ILE A 303 0.17 -49.10 -19.41
CA ILE A 303 -0.92 -48.48 -20.13
C ILE A 303 -2.18 -49.07 -19.51
N LEU A 304 -3.11 -48.24 -19.04
CA LEU A 304 -4.33 -48.82 -18.52
C LEU A 304 -5.56 -48.49 -19.29
N LEU A 305 -6.54 -49.35 -19.17
CA LEU A 305 -7.77 -49.20 -19.89
C LEU A 305 -8.84 -48.61 -19.07
N LYS A 306 -9.62 -47.73 -19.72
CA LYS A 306 -10.78 -47.11 -19.12
C LYS A 306 -11.88 -47.48 -20.08
N GLY A 307 -12.99 -47.93 -19.52
CA GLY A 307 -14.14 -48.28 -20.33
C GLY A 307 -15.23 -48.88 -19.46
N LYS A 308 -16.30 -49.31 -20.12
CA LYS A 308 -17.40 -49.91 -19.40
C LYS A 308 -16.99 -51.30 -18.95
N LYS A 309 -17.34 -51.64 -17.72
CA LYS A 309 -17.01 -52.94 -17.16
C LYS A 309 -18.24 -53.74 -16.73
N LEU A 310 -18.26 -55.04 -17.04
CA LEU A 310 -19.40 -55.91 -16.68
C LEU A 310 -19.78 -55.78 -15.20
N LYS A 355 -23.47 -57.38 -23.67
CA LYS A 355 -23.16 -56.21 -24.48
C LYS A 355 -21.66 -55.99 -24.48
N LEU A 356 -20.99 -56.58 -23.50
CA LEU A 356 -19.57 -56.41 -23.33
C LEU A 356 -18.91 -57.76 -23.02
N VAL A 357 -17.98 -58.20 -23.86
CA VAL A 357 -17.31 -59.45 -23.59
C VAL A 357 -16.32 -59.32 -22.45
N PRO A 358 -16.21 -60.38 -21.68
CA PRO A 358 -15.33 -60.45 -20.52
C PRO A 358 -13.91 -60.21 -20.89
N GLU A 359 -13.53 -60.67 -22.08
CA GLU A 359 -12.15 -60.50 -22.55
C GLU A 359 -11.70 -59.06 -22.38
N LEU A 360 -12.58 -58.14 -22.79
CA LEU A 360 -12.38 -56.70 -22.72
C LEU A 360 -12.65 -56.22 -21.29
N SER A 361 -13.88 -56.46 -20.86
CA SER A 361 -14.32 -56.05 -19.55
C SER A 361 -13.37 -56.39 -18.44
N ASP A 362 -12.70 -57.53 -18.57
CA ASP A 362 -11.76 -57.96 -17.54
C ASP A 362 -10.43 -57.20 -17.53
N MET A 363 -10.21 -56.39 -18.57
CA MET A 363 -8.97 -55.62 -18.65
C MET A 363 -9.15 -54.24 -18.03
N ILE A 364 -10.40 -53.92 -17.70
CA ILE A 364 -10.71 -52.65 -17.06
C ILE A 364 -10.48 -52.87 -15.58
N ILE A 365 -9.42 -52.28 -15.03
CA ILE A 365 -9.13 -52.48 -13.61
C ILE A 365 -9.38 -51.24 -12.76
N TYR A 366 -8.73 -50.13 -13.09
CA TYR A 366 -8.88 -48.94 -12.26
C TYR A 366 -9.77 -47.84 -12.81
N CYS A 367 -10.18 -47.97 -14.07
CA CYS A 367 -11.01 -46.94 -14.68
C CYS A 367 -12.27 -47.48 -15.28
N LYS A 368 -13.19 -47.82 -14.39
CA LYS A 368 -14.48 -48.33 -14.80
C LYS A 368 -15.34 -47.11 -15.15
N SER A 369 -15.70 -47.01 -16.42
CA SER A 369 -16.52 -45.90 -16.88
C SER A 369 -17.88 -46.01 -16.21
N VAL A 370 -18.32 -44.91 -15.62
CA VAL A 370 -19.56 -44.92 -14.90
C VAL A 370 -20.37 -43.66 -15.19
N HIS A 371 -21.68 -43.74 -14.92
CA HIS A 371 -22.56 -42.58 -15.11
C HIS A 371 -22.55 -41.81 -13.84
N PHE A 372 -22.51 -40.50 -13.95
CA PHE A 372 -22.49 -39.71 -12.76
C PHE A 372 -23.68 -40.00 -11.88
N GLY A 373 -23.40 -40.37 -10.64
CA GLY A 373 -24.47 -40.65 -9.69
C GLY A 373 -24.79 -39.36 -8.94
N GLY A 374 -23.77 -38.84 -8.24
CA GLY A 374 -23.88 -37.63 -7.44
C GLY A 374 -22.71 -37.72 -6.47
N PHE A 375 -22.59 -36.77 -5.56
CA PHE A 375 -21.51 -36.80 -4.57
C PHE A 375 -22.08 -37.07 -3.16
N SER A 376 -21.28 -37.67 -2.27
CA SER A 376 -21.70 -37.98 -0.90
C SER A 376 -20.56 -38.49 0.04
N SER A 377 -20.58 -38.01 1.30
CA SER A 377 -19.60 -38.32 2.37
C SER A 377 -19.11 -39.77 2.63
N PRO A 378 -20.04 -40.73 2.78
CA PRO A 378 -19.65 -42.13 3.01
C PRO A 378 -19.16 -42.79 1.71
N GLY A 379 -19.32 -44.12 1.63
CA GLY A 379 -18.91 -44.85 0.45
C GLY A 379 -20.16 -45.37 -0.24
N THR A 380 -21.30 -44.81 0.13
CA THR A 380 -22.58 -45.21 -0.43
C THR A 380 -23.02 -44.49 -1.70
N SER A 381 -22.54 -43.27 -1.92
CA SER A 381 -22.95 -42.53 -3.11
C SER A 381 -22.04 -41.40 -3.59
N GLY A 382 -20.90 -41.82 -4.09
CA GLY A 382 -19.85 -40.99 -4.66
C GLY A 382 -18.97 -42.16 -5.03
N GLN A 383 -19.13 -42.64 -6.26
CA GLN A 383 -18.44 -43.83 -6.77
C GLN A 383 -17.13 -44.34 -6.12
N ALA A 384 -16.70 -45.53 -6.51
CA ALA A 384 -15.48 -46.07 -5.94
C ALA A 384 -14.26 -45.48 -6.62
N PHE A 385 -13.17 -45.44 -5.87
CA PHE A 385 -11.92 -44.90 -6.36
C PHE A 385 -11.57 -45.41 -7.76
N TYR A 386 -12.05 -46.61 -8.09
CA TYR A 386 -11.76 -47.16 -9.41
C TYR A 386 -12.91 -46.95 -10.35
N GLU A 387 -13.80 -46.04 -9.99
CA GLU A 387 -14.90 -45.73 -10.89
C GLU A 387 -14.73 -44.32 -11.39
N MET A 388 -14.92 -44.13 -12.69
CA MET A 388 -14.75 -42.81 -13.25
C MET A 388 -15.95 -42.33 -14.03
N ALA A 389 -16.40 -41.12 -13.71
CA ALA A 389 -17.51 -40.52 -14.44
C ALA A 389 -16.98 -39.51 -15.45
N SER A 390 -17.72 -39.32 -16.52
CA SER A 390 -17.34 -38.36 -17.54
C SER A 390 -18.40 -37.30 -17.60
N PHE A 391 -18.02 -36.05 -17.83
CA PHE A 391 -18.99 -34.97 -17.93
C PHE A 391 -18.68 -34.14 -19.10
N SER A 392 -19.70 -33.73 -19.80
CA SER A 392 -19.48 -32.85 -20.89
C SER A 392 -19.19 -31.52 -20.24
N GLU A 393 -18.62 -30.64 -21.05
CA GLU A 393 -18.24 -29.31 -20.64
C GLU A 393 -19.46 -28.66 -19.99
N SER A 394 -20.57 -28.70 -20.68
CA SER A 394 -21.82 -28.10 -20.20
C SER A 394 -22.27 -28.62 -18.85
N ARG A 395 -22.28 -29.92 -18.73
CA ARG A 395 -22.67 -30.54 -17.47
C ARG A 395 -21.71 -30.29 -16.35
N ALA A 396 -20.43 -30.33 -16.67
CA ALA A 396 -19.43 -30.09 -15.68
C ALA A 396 -19.64 -28.69 -15.15
N LEU A 397 -19.86 -27.75 -16.06
CA LEU A 397 -20.04 -26.36 -15.66
C LEU A 397 -21.20 -26.20 -14.68
N ARG A 398 -22.30 -26.83 -15.01
CA ARG A 398 -23.47 -26.76 -14.17
C ARG A 398 -23.13 -27.28 -12.80
N LEU A 399 -22.52 -28.44 -12.74
CA LEU A 399 -22.18 -28.98 -11.44
C LEU A 399 -21.24 -28.04 -10.67
N LEU A 400 -20.33 -27.38 -11.39
CA LEU A 400 -19.38 -26.51 -10.74
C LEU A 400 -20.14 -25.30 -10.25
N GLN A 401 -21.13 -24.94 -11.04
CA GLN A 401 -21.99 -23.79 -10.77
C GLN A 401 -22.82 -24.06 -9.53
N GLU A 402 -23.36 -25.26 -9.43
CA GLU A 402 -24.21 -25.59 -8.33
C GLU A 402 -23.61 -26.30 -7.17
N SER A 403 -22.58 -27.10 -7.41
CA SER A 403 -21.99 -27.85 -6.33
C SER A 403 -20.49 -27.97 -6.40
N GLY A 404 -19.85 -26.83 -6.63
CA GLY A 404 -18.41 -26.74 -6.76
C GLY A 404 -17.73 -27.53 -5.68
N ASN A 405 -18.11 -27.30 -4.44
CA ASN A 405 -17.45 -28.03 -3.39
C ASN A 405 -17.67 -29.54 -3.41
N GLY A 406 -18.84 -29.95 -3.89
CA GLY A 406 -19.14 -31.39 -3.94
C GLY A 406 -18.23 -32.06 -4.96
N PHE A 407 -18.11 -31.39 -6.09
CA PHE A 407 -17.27 -31.85 -7.15
C PHE A 407 -15.85 -31.91 -6.66
N VAL A 408 -15.41 -30.82 -6.03
CA VAL A 408 -14.05 -30.75 -5.53
C VAL A 408 -13.78 -31.93 -4.63
N ARG A 409 -14.62 -32.05 -3.62
CA ARG A 409 -14.45 -33.12 -2.66
C ARG A 409 -14.54 -34.43 -3.38
N HIS A 410 -15.40 -34.46 -4.36
CA HIS A 410 -15.56 -35.68 -5.08
C HIS A 410 -14.27 -36.05 -5.81
N ASN A 411 -13.62 -35.04 -6.36
CA ASN A 411 -12.41 -35.22 -7.14
C ASN A 411 -11.19 -35.57 -6.35
N VAL A 412 -11.31 -35.59 -5.03
CA VAL A 412 -10.14 -35.87 -4.20
C VAL A 412 -9.68 -37.29 -4.34
N SER A 413 -10.63 -38.19 -4.40
CA SER A 413 -10.29 -39.61 -4.45
C SER A 413 -10.83 -40.31 -5.66
N CYS A 414 -11.52 -39.56 -6.52
CA CYS A 414 -12.05 -40.10 -7.76
C CYS A 414 -11.58 -39.28 -8.96
N LEU A 415 -11.35 -39.97 -10.06
CA LEU A 415 -10.95 -39.32 -11.27
C LEU A 415 -12.22 -38.97 -11.97
N SER A 416 -12.25 -37.78 -12.57
CA SER A 416 -13.39 -37.34 -13.38
C SER A 416 -12.82 -36.94 -14.74
N ARG A 417 -13.58 -37.20 -15.79
CA ARG A 417 -13.16 -36.82 -17.11
C ARG A 417 -14.14 -35.82 -17.63
N ILE A 418 -13.65 -34.78 -18.27
CA ILE A 418 -14.51 -33.75 -18.84
C ILE A 418 -14.15 -33.76 -20.29
N TYR A 419 -15.12 -33.54 -21.15
CA TYR A 419 -14.84 -33.47 -22.57
C TYR A 419 -15.63 -32.34 -23.18
N PRO A 420 -15.22 -31.90 -24.34
CA PRO A 420 -15.82 -30.74 -25.01
C PRO A 420 -17.31 -30.88 -25.31
N ALA A 421 -18.01 -29.74 -25.31
CA ALA A 421 -19.42 -29.68 -25.65
C ALA A 421 -19.66 -30.13 -27.09
N GLY A 422 -20.78 -30.81 -27.32
CA GLY A 422 -21.16 -31.34 -28.62
C GLY A 422 -21.18 -30.34 -29.71
N TRP A 423 -21.42 -29.08 -29.39
CA TRP A 423 -21.45 -28.08 -30.46
C TRP A 423 -20.09 -27.73 -30.97
N ARG A 424 -19.05 -28.20 -30.29
CA ARG A 424 -17.68 -27.89 -30.71
C ARG A 424 -17.19 -28.79 -31.86
N THR A 425 -18.04 -28.88 -32.86
CA THR A 425 -17.79 -29.71 -34.02
C THR A 425 -16.59 -29.22 -34.82
N ASP A 426 -16.15 -28.02 -34.52
CA ASP A 426 -14.99 -27.46 -35.20
C ASP A 426 -13.76 -27.88 -34.41
N SER A 427 -13.98 -28.64 -33.36
CA SER A 427 -12.89 -29.12 -32.49
C SER A 427 -12.29 -27.98 -31.67
N SER A 428 -13.07 -26.93 -31.45
CA SER A 428 -12.64 -25.81 -30.64
C SER A 428 -12.52 -26.39 -29.25
N ASN A 429 -11.85 -25.68 -28.36
CA ASN A 429 -11.64 -26.15 -27.00
C ASN A 429 -12.19 -25.15 -25.99
N TYR A 430 -12.51 -25.66 -24.82
CA TYR A 430 -12.97 -24.81 -23.74
C TYR A 430 -11.77 -24.57 -22.85
N SER A 431 -11.89 -23.67 -21.89
CA SER A 431 -10.78 -23.38 -20.98
C SER A 431 -10.64 -24.51 -20.00
N PRO A 432 -9.45 -25.04 -19.89
CA PRO A 432 -9.24 -26.15 -18.97
C PRO A 432 -9.28 -25.67 -17.54
N VAL A 433 -8.85 -24.45 -17.32
CA VAL A 433 -8.73 -23.90 -15.97
C VAL A 433 -9.97 -24.03 -15.16
N GLU A 434 -11.09 -23.73 -15.79
CA GLU A 434 -12.34 -23.80 -15.09
C GLU A 434 -12.62 -25.18 -14.57
N MET A 435 -12.07 -26.20 -15.23
CA MET A 435 -12.27 -27.58 -14.75
C MET A 435 -11.26 -27.96 -13.71
N TRP A 436 -10.04 -27.46 -13.87
CA TRP A 436 -9.01 -27.74 -12.88
C TRP A 436 -9.41 -27.08 -11.56
N ASN A 437 -10.05 -25.90 -11.64
CA ASN A 437 -10.47 -25.18 -10.43
C ASN A 437 -11.44 -25.99 -9.59
N GLY A 438 -11.96 -27.06 -10.19
CA GLY A 438 -12.89 -27.95 -9.49
C GLY A 438 -12.18 -29.28 -9.17
N GLY A 439 -10.88 -29.36 -9.43
CA GLY A 439 -10.16 -30.58 -9.12
C GLY A 439 -10.32 -31.63 -10.21
N CYS A 440 -10.96 -31.28 -11.31
CA CYS A 440 -11.12 -32.25 -12.39
C CYS A 440 -9.75 -32.58 -12.99
N GLN A 441 -9.44 -33.86 -13.08
CA GLN A 441 -8.14 -34.24 -13.53
C GLN A 441 -7.95 -34.64 -14.95
N ILE A 442 -8.93 -35.32 -15.50
CA ILE A 442 -8.84 -35.74 -16.89
C ILE A 442 -9.65 -34.81 -17.77
N VAL A 443 -9.14 -33.60 -17.93
CA VAL A 443 -9.77 -32.57 -18.69
C VAL A 443 -9.34 -32.74 -20.16
N ALA A 444 -10.18 -33.41 -20.95
CA ALA A 444 -9.84 -33.72 -22.32
C ALA A 444 -10.02 -32.59 -23.28
N LEU A 445 -8.99 -32.22 -24.03
CA LEU A 445 -9.12 -31.15 -25.03
C LEU A 445 -8.81 -31.76 -26.37
N ASN A 446 -9.07 -31.01 -27.43
CA ASN A 446 -8.76 -31.46 -28.77
C ASN A 446 -7.35 -30.99 -29.03
N PHE A 447 -6.42 -31.90 -28.87
CA PHE A 447 -5.01 -31.60 -29.01
C PHE A 447 -4.61 -31.08 -30.36
N GLN A 448 -5.43 -31.28 -31.35
CA GLN A 448 -5.08 -30.83 -32.67
C GLN A 448 -5.38 -29.38 -32.92
N THR A 449 -6.05 -28.74 -31.98
CA THR A 449 -6.48 -27.36 -32.19
C THR A 449 -5.69 -26.30 -31.47
N PRO A 450 -5.01 -25.44 -32.22
CA PRO A 450 -4.23 -24.37 -31.66
C PRO A 450 -5.15 -23.36 -31.06
N GLY A 451 -4.72 -22.78 -29.94
CA GLY A 451 -5.46 -21.75 -29.25
C GLY A 451 -4.94 -21.56 -27.82
N PRO A 452 -5.48 -20.53 -27.20
CA PRO A 452 -5.14 -20.12 -25.85
C PRO A 452 -5.40 -21.24 -24.92
N GLU A 453 -6.39 -22.05 -25.28
CA GLU A 453 -6.76 -23.18 -24.45
C GLU A 453 -5.68 -24.25 -24.45
N MET A 454 -5.19 -24.64 -25.61
CA MET A 454 -4.11 -25.64 -25.62
C MET A 454 -2.83 -24.97 -25.11
N ASP A 455 -2.72 -23.67 -25.33
CA ASP A 455 -1.57 -22.93 -24.86
C ASP A 455 -1.50 -23.09 -23.38
N VAL A 456 -2.59 -22.80 -22.73
CA VAL A 456 -2.63 -22.89 -21.27
C VAL A 456 -2.46 -24.30 -20.84
N TYR A 457 -3.03 -25.21 -21.62
CA TYR A 457 -2.98 -26.63 -21.30
C TYR A 457 -1.56 -27.14 -21.28
N LEU A 458 -0.85 -26.86 -22.38
CA LEU A 458 0.53 -27.29 -22.48
C LEU A 458 1.47 -26.52 -21.52
N GLY A 459 1.03 -25.33 -21.07
CA GLY A 459 1.81 -24.53 -20.13
C GLY A 459 1.78 -25.24 -18.80
N CYS A 460 0.60 -25.66 -18.40
CA CYS A 460 0.45 -26.38 -17.15
C CYS A 460 1.26 -27.66 -17.16
N PHE A 461 1.17 -28.39 -18.26
CA PHE A 461 1.84 -29.67 -18.37
C PHE A 461 3.34 -29.63 -18.70
N GLN A 462 3.88 -28.43 -18.88
CA GLN A 462 5.29 -28.27 -19.13
C GLN A 462 5.85 -28.46 -17.72
N ASP A 463 4.99 -28.22 -16.74
CA ASP A 463 5.39 -28.35 -15.37
C ASP A 463 5.67 -29.80 -15.02
N ASN A 464 6.39 -29.98 -13.94
CA ASN A 464 6.77 -31.29 -13.49
C ASN A 464 7.46 -32.11 -14.55
N GLY A 465 8.40 -31.52 -15.24
CA GLY A 465 9.14 -32.31 -16.21
C GLY A 465 8.34 -32.69 -17.39
N GLY A 466 7.13 -32.17 -17.51
CA GLY A 466 6.33 -32.45 -18.69
C GLY A 466 5.92 -33.89 -18.72
N CYS A 467 5.82 -34.49 -17.54
CA CYS A 467 5.51 -35.88 -17.48
C CYS A 467 4.05 -36.22 -17.64
N GLY A 468 3.19 -35.21 -17.66
CA GLY A 468 1.77 -35.48 -17.87
C GLY A 468 0.93 -35.63 -16.61
N TYR A 469 1.59 -35.64 -15.45
CA TYR A 469 0.89 -35.73 -14.19
C TYR A 469 1.41 -34.62 -13.34
N VAL A 470 0.54 -33.67 -12.99
CA VAL A 470 0.92 -32.56 -12.14
C VAL A 470 0.16 -32.62 -10.82
N LEU A 471 0.88 -32.71 -9.71
CA LEU A 471 0.22 -32.81 -8.42
C LEU A 471 -0.66 -31.64 -8.13
N LYS A 472 -1.87 -31.92 -7.67
CA LYS A 472 -2.83 -30.86 -7.31
C LYS A 472 -2.45 -30.18 -6.00
N PRO A 473 -2.92 -28.96 -5.81
CA PRO A 473 -2.66 -28.23 -4.58
C PRO A 473 -3.26 -29.06 -3.45
N ALA A 474 -2.62 -28.99 -2.28
CA ALA A 474 -3.06 -29.76 -1.12
C ALA A 474 -4.48 -29.53 -0.81
N PHE A 475 -4.91 -28.29 -0.77
CA PHE A 475 -6.30 -28.07 -0.44
C PHE A 475 -7.22 -28.77 -1.42
N LEU A 476 -6.74 -29.18 -2.58
CA LEU A 476 -7.63 -29.89 -3.49
C LEU A 476 -7.44 -31.40 -3.29
N ARG A 477 -6.57 -31.74 -2.36
CA ARG A 477 -6.30 -33.14 -2.07
C ARG A 477 -6.80 -33.42 -0.65
N ASP A 478 -7.59 -32.49 -0.13
CA ASP A 478 -8.15 -32.60 1.21
C ASP A 478 -9.62 -32.99 1.13
N PRO A 479 -9.90 -34.24 1.43
CA PRO A 479 -11.27 -34.76 1.38
C PRO A 479 -12.28 -33.93 2.15
N ASN A 480 -11.82 -33.05 3.02
CA ASN A 480 -12.74 -32.24 3.80
C ASN A 480 -12.57 -30.76 3.52
N THR A 481 -12.08 -30.43 2.34
CA THR A 481 -11.89 -29.05 2.00
C THR A 481 -13.24 -28.38 1.90
N THR A 482 -13.27 -27.08 2.07
CA THR A 482 -14.50 -26.36 1.93
C THR A 482 -14.30 -25.40 0.78
N PHE A 483 -13.30 -25.70 -0.05
CA PHE A 483 -12.97 -24.86 -1.18
C PHE A 483 -14.01 -24.88 -2.29
N ASN A 484 -14.25 -23.73 -2.85
CA ASN A 484 -15.12 -23.64 -3.97
C ASN A 484 -14.61 -22.41 -4.68
N SER A 485 -13.89 -22.64 -5.76
CA SER A 485 -13.29 -21.57 -6.52
C SER A 485 -14.29 -20.49 -6.84
N ARG A 486 -15.55 -20.88 -6.80
CA ARG A 486 -16.67 -19.99 -7.14
C ARG A 486 -17.16 -19.13 -6.02
N ALA A 487 -16.97 -19.61 -4.80
CA ALA A 487 -17.43 -18.90 -3.63
C ALA A 487 -16.28 -18.92 -2.68
N LEU A 488 -15.32 -18.02 -2.91
CA LEU A 488 -14.12 -18.00 -2.10
C LEU A 488 -14.27 -17.49 -0.67
N THR A 489 -13.75 -18.29 0.25
CA THR A 489 -13.76 -17.96 1.66
C THR A 489 -12.32 -18.13 2.13
N GLN A 490 -12.08 -17.77 3.39
CA GLN A 490 -10.76 -17.91 3.96
C GLN A 490 -10.42 -19.39 4.08
N GLY A 491 -9.17 -19.68 3.77
CA GLY A 491 -8.65 -21.03 3.81
C GLY A 491 -7.26 -20.95 3.23
N PRO A 492 -6.58 -22.08 3.28
CA PRO A 492 -5.21 -22.25 2.76
C PRO A 492 -4.99 -21.72 1.35
N TRP A 493 -6.00 -21.90 0.51
CA TRP A 493 -5.91 -21.46 -0.86
C TRP A 493 -5.82 -19.95 -0.97
N TRP A 494 -6.21 -19.24 0.09
CA TRP A 494 -6.18 -17.79 0.07
C TRP A 494 -4.76 -17.30 0.38
N ARG A 495 -4.07 -16.77 -0.62
CA ARG A 495 -2.72 -16.33 -0.39
C ARG A 495 -2.41 -15.30 -1.40
N PRO A 496 -3.04 -14.16 -1.26
CA PRO A 496 -2.92 -13.09 -2.23
C PRO A 496 -1.51 -12.65 -2.43
N GLU A 497 -1.17 -12.38 -3.68
CA GLU A 497 0.17 -11.95 -4.03
C GLU A 497 0.01 -10.81 -4.97
N ARG A 498 1.03 -9.97 -5.04
CA ARG A 498 0.98 -8.85 -5.93
C ARG A 498 2.01 -9.18 -7.01
N LEU A 499 1.58 -9.23 -8.26
CA LEU A 499 2.52 -9.55 -9.32
C LEU A 499 2.75 -8.34 -10.16
N ARG A 500 4.00 -7.99 -10.38
CA ARG A 500 4.27 -6.89 -11.26
C ARG A 500 5.09 -7.47 -12.35
N VAL A 501 4.65 -7.20 -13.57
CA VAL A 501 5.30 -7.68 -14.75
C VAL A 501 5.66 -6.52 -15.63
N ARG A 502 6.92 -6.39 -15.95
CA ARG A 502 7.33 -5.31 -16.82
C ARG A 502 7.74 -5.91 -18.13
N ILE A 503 7.04 -5.51 -19.18
CA ILE A 503 7.35 -5.96 -20.52
C ILE A 503 8.33 -4.95 -21.03
N ILE A 504 9.60 -5.32 -21.10
CA ILE A 504 10.58 -4.37 -21.50
C ILE A 504 10.75 -4.25 -22.98
N SER A 505 11.12 -5.35 -23.59
CA SER A 505 11.41 -5.36 -25.00
C SER A 505 11.15 -6.77 -25.60
N GLY A 506 11.21 -6.85 -26.93
CA GLY A 506 11.04 -8.11 -27.65
C GLY A 506 12.22 -8.28 -28.57
N GLN A 507 12.61 -9.53 -28.80
CA GLN A 507 13.74 -9.83 -29.64
C GLN A 507 13.33 -10.76 -30.74
N GLN A 508 13.62 -10.38 -31.97
CA GLN A 508 13.38 -11.24 -33.10
C GLN A 508 12.06 -11.98 -33.16
N LEU A 509 10.98 -11.21 -33.04
CA LEU A 509 9.66 -11.75 -33.13
C LEU A 509 9.47 -12.37 -34.51
N PRO A 510 8.96 -13.59 -34.52
CA PRO A 510 8.74 -14.31 -35.75
C PRO A 510 7.82 -13.58 -36.70
N LYS A 511 8.19 -13.63 -37.99
CA LYS A 511 7.41 -13.01 -39.05
C LYS A 511 6.11 -13.80 -39.11
N VAL A 512 5.12 -13.17 -38.49
CA VAL A 512 3.78 -13.68 -38.24
C VAL A 512 2.91 -14.10 -39.40
N ASN A 513 3.54 -14.62 -40.44
CA ASN A 513 2.78 -15.11 -41.57
C ASN A 513 2.06 -14.01 -42.37
N LYS A 514 2.77 -13.43 -43.33
CA LYS A 514 2.16 -12.47 -44.24
C LYS A 514 2.75 -12.89 -45.59
N ASN A 515 3.93 -12.35 -45.88
CA ASN A 515 4.71 -12.69 -47.07
C ASN A 515 6.15 -12.33 -46.63
N LYS A 516 6.73 -11.25 -47.13
CA LYS A 516 8.09 -10.87 -46.71
C LYS A 516 8.41 -9.38 -46.80
N ASN A 517 7.40 -8.55 -47.02
CA ASN A 517 7.67 -7.11 -47.09
C ASN A 517 7.07 -6.20 -45.99
N SER A 518 6.03 -6.66 -45.30
CA SER A 518 5.45 -5.88 -44.20
C SER A 518 6.24 -6.23 -42.95
N ILE A 519 6.34 -5.25 -42.06
CA ILE A 519 7.04 -5.45 -40.82
C ILE A 519 5.99 -5.48 -39.70
N VAL A 520 6.20 -6.37 -38.74
CA VAL A 520 5.27 -6.52 -37.63
C VAL A 520 5.06 -5.24 -36.87
N ASP A 521 3.90 -5.14 -36.25
CA ASP A 521 3.54 -4.00 -35.42
C ASP A 521 3.12 -4.68 -34.16
N PRO A 522 4.10 -5.13 -33.39
CA PRO A 522 3.84 -5.92 -32.22
C PRO A 522 3.28 -5.22 -31.03
N LYS A 523 2.49 -5.99 -30.29
CA LYS A 523 1.93 -5.56 -29.05
C LYS A 523 1.87 -6.83 -28.17
N VAL A 524 1.93 -6.66 -26.85
CA VAL A 524 1.96 -7.82 -25.97
C VAL A 524 0.79 -7.81 -25.01
N ILE A 525 0.27 -8.99 -24.74
CA ILE A 525 -0.86 -9.12 -23.85
C ILE A 525 -0.44 -10.02 -22.75
N VAL A 526 -0.81 -9.66 -21.53
CA VAL A 526 -0.43 -10.48 -20.42
C VAL A 526 -1.71 -10.83 -19.78
N GLU A 527 -1.90 -12.12 -19.50
CA GLU A 527 -3.15 -12.55 -18.88
C GLU A 527 -2.94 -13.41 -17.69
N ILE A 528 -3.85 -13.29 -16.76
CA ILE A 528 -3.84 -14.13 -15.60
C ILE A 528 -5.01 -15.07 -15.77
N HIS A 529 -4.74 -16.36 -15.65
CA HIS A 529 -5.78 -17.37 -15.74
C HIS A 529 -5.77 -18.02 -14.38
N GLY A 530 -6.95 -18.32 -13.84
CA GLY A 530 -7.02 -18.96 -12.52
C GLY A 530 -8.44 -18.96 -12.05
N VAL A 531 -8.66 -18.79 -10.75
CA VAL A 531 -10.01 -18.71 -10.24
C VAL A 531 -10.60 -17.44 -10.84
N GLY A 532 -11.91 -17.46 -11.04
CA GLY A 532 -12.60 -16.35 -11.68
C GLY A 532 -12.22 -14.95 -11.20
N ARG A 533 -12.12 -14.80 -9.90
CA ARG A 533 -11.79 -13.51 -9.32
C ARG A 533 -10.39 -13.05 -9.70
N ASP A 534 -9.51 -13.97 -10.09
CA ASP A 534 -8.16 -13.58 -10.46
C ASP A 534 -7.95 -13.30 -11.93
N THR A 535 -8.85 -13.77 -12.76
CA THR A 535 -8.67 -13.62 -14.18
C THR A 535 -8.50 -12.18 -14.57
N GLY A 536 -7.56 -11.89 -15.46
CA GLY A 536 -7.28 -10.50 -15.84
C GLY A 536 -6.52 -10.49 -17.14
N SER A 537 -6.49 -9.36 -17.80
CA SER A 537 -5.76 -9.27 -19.03
C SER A 537 -5.35 -7.83 -19.25
N ARG A 538 -4.13 -7.57 -19.70
CA ARG A 538 -3.69 -6.20 -19.94
C ARG A 538 -2.89 -6.27 -21.19
N GLN A 539 -2.71 -5.15 -21.87
CA GLN A 539 -1.94 -5.17 -23.11
C GLN A 539 -1.07 -3.91 -23.24
N THR A 540 0.06 -4.03 -23.93
CA THR A 540 0.94 -2.91 -24.14
C THR A 540 0.42 -2.12 -25.30
N ALA A 541 1.14 -1.10 -25.72
CA ALA A 541 0.74 -0.34 -26.87
C ALA A 541 1.34 -1.10 -28.01
N VAL A 542 1.11 -0.64 -29.23
CA VAL A 542 1.68 -1.29 -30.40
C VAL A 542 2.95 -0.54 -30.80
N ILE A 543 3.99 -1.28 -31.17
CA ILE A 543 5.22 -0.63 -31.61
C ILE A 543 5.07 -0.86 -33.09
N THR A 544 5.15 0.18 -33.88
CA THR A 544 4.96 -0.04 -35.29
C THR A 544 6.22 -0.38 -36.04
N ASN A 545 6.09 -1.36 -36.94
CA ASN A 545 7.20 -1.76 -37.77
C ASN A 545 8.47 -2.19 -37.08
N ASN A 546 8.35 -3.03 -36.07
CA ASN A 546 9.53 -3.54 -35.42
C ASN A 546 9.30 -4.89 -34.77
N GLY A 547 9.88 -5.92 -35.34
CA GLY A 547 9.71 -7.24 -34.76
C GLY A 547 11.04 -7.67 -34.22
N PHE A 548 12.08 -6.93 -34.61
CA PHE A 548 13.44 -7.27 -34.23
C PHE A 548 13.79 -6.95 -32.80
N ASN A 549 13.43 -5.76 -32.40
CA ASN A 549 13.75 -5.30 -31.08
C ASN A 549 12.81 -4.24 -30.60
N PRO A 550 11.53 -4.52 -30.70
CA PRO A 550 10.53 -3.59 -30.18
C PRO A 550 10.78 -3.38 -28.68
N ARG A 551 10.58 -2.15 -28.22
CA ARG A 551 10.78 -1.80 -26.81
C ARG A 551 9.53 -1.17 -26.22
N TRP A 552 8.92 -1.85 -25.25
CA TRP A 552 7.70 -1.34 -24.67
C TRP A 552 7.93 -0.66 -23.36
N ASP A 553 8.71 -1.29 -22.50
CA ASP A 553 8.94 -0.72 -21.18
C ASP A 553 7.65 -0.43 -20.42
N MET A 554 6.69 -1.37 -20.48
CA MET A 554 5.40 -1.21 -19.79
C MET A 554 5.21 -2.17 -18.70
N GLU A 555 4.69 -1.68 -17.59
CA GLU A 555 4.49 -2.53 -16.46
C GLU A 555 3.06 -2.70 -16.08
N PHE A 556 2.71 -3.91 -15.70
CA PHE A 556 1.35 -4.16 -15.31
C PHE A 556 1.43 -4.77 -13.95
N GLU A 557 0.34 -4.66 -13.23
CA GLU A 557 0.30 -5.24 -11.92
C GLU A 557 -1.00 -5.97 -11.70
N PHE A 558 -0.92 -7.13 -11.09
CA PHE A 558 -2.10 -7.90 -10.86
C PHE A 558 -2.12 -8.37 -9.46
N GLU A 559 -3.31 -8.54 -8.92
CA GLU A 559 -3.46 -9.10 -7.59
C GLU A 559 -4.06 -10.48 -7.77
N VAL A 560 -3.40 -11.49 -7.20
CA VAL A 560 -3.83 -12.86 -7.37
C VAL A 560 -4.08 -13.46 -6.03
N THR A 561 -5.32 -13.83 -5.81
CA THR A 561 -5.71 -14.35 -4.51
C THR A 561 -5.52 -15.83 -4.30
N VAL A 562 -5.58 -16.61 -5.38
CA VAL A 562 -5.38 -18.07 -5.29
C VAL A 562 -4.29 -18.50 -6.28
N PRO A 563 -3.08 -17.99 -6.05
CA PRO A 563 -1.95 -18.26 -6.95
C PRO A 563 -1.77 -19.71 -7.27
N ASP A 564 -2.07 -20.58 -6.33
CA ASP A 564 -1.85 -21.99 -6.58
C ASP A 564 -2.61 -22.56 -7.72
N LEU A 565 -3.57 -21.80 -8.23
CA LEU A 565 -4.39 -22.26 -9.35
C LEU A 565 -4.19 -21.37 -10.55
N ALA A 566 -3.27 -20.41 -10.44
CA ALA A 566 -3.03 -19.44 -11.51
C ALA A 566 -1.90 -19.76 -12.51
N LEU A 567 -2.03 -19.17 -13.70
CA LEU A 567 -1.03 -19.29 -14.77
C LEU A 567 -0.93 -17.91 -15.40
N VAL A 568 0.25 -17.52 -15.82
CA VAL A 568 0.43 -16.23 -16.43
C VAL A 568 0.77 -16.46 -17.87
N ARG A 569 0.09 -15.75 -18.75
CA ARG A 569 0.31 -15.96 -20.13
C ARG A 569 0.71 -14.73 -20.82
N PHE A 570 1.68 -14.87 -21.69
CA PHE A 570 2.18 -13.78 -22.48
C PHE A 570 1.83 -14.09 -23.91
N MET A 571 1.11 -13.20 -24.55
CA MET A 571 0.80 -13.39 -25.95
C MET A 571 1.21 -12.17 -26.76
N VAL A 572 1.85 -12.39 -27.88
CA VAL A 572 2.26 -11.30 -28.72
C VAL A 572 1.45 -11.35 -30.01
N GLU A 573 0.89 -10.21 -30.39
CA GLU A 573 0.11 -10.13 -31.61
C GLU A 573 0.65 -9.10 -32.53
N ASP A 574 0.35 -9.28 -33.79
CA ASP A 574 0.73 -8.30 -34.81
C ASP A 574 -0.52 -7.49 -35.01
N TYR A 575 -0.48 -6.26 -34.54
CA TYR A 575 -1.62 -5.39 -34.65
C TYR A 575 -1.97 -5.10 -36.10
N ASP A 576 -3.27 -5.01 -36.36
CA ASP A 576 -3.76 -4.65 -37.68
C ASP A 576 -5.08 -3.94 -37.60
N SER A 577 -5.08 -2.66 -37.98
CA SER A 577 -6.27 -1.82 -37.94
C SER A 577 -7.37 -2.43 -38.78
N SER A 578 -6.99 -2.76 -40.02
CA SER A 578 -7.86 -3.35 -41.03
C SER A 578 -8.44 -4.69 -40.56
N SER A 579 -7.55 -5.64 -40.29
CA SER A 579 -7.95 -6.99 -39.87
C SER A 579 -7.66 -7.38 -38.41
N LYS A 580 -7.99 -8.64 -38.10
CA LYS A 580 -7.74 -9.23 -36.79
C LYS A 580 -6.22 -9.24 -36.63
N ASN A 581 -5.76 -8.97 -35.42
CA ASN A 581 -4.34 -8.96 -35.17
C ASN A 581 -3.83 -10.38 -35.28
N ASP A 582 -2.71 -10.55 -36.00
CA ASP A 582 -2.07 -11.85 -36.16
C ASP A 582 -1.40 -12.27 -34.82
N PHE A 583 -1.46 -13.56 -34.53
CA PHE A 583 -0.86 -14.13 -33.33
C PHE A 583 0.56 -14.39 -33.76
N ILE A 584 1.50 -13.82 -33.01
CA ILE A 584 2.91 -13.95 -33.29
C ILE A 584 3.53 -15.04 -32.44
N GLY A 585 3.24 -15.04 -31.14
CA GLY A 585 3.86 -16.03 -30.29
C GLY A 585 3.25 -15.98 -28.91
N GLN A 586 3.56 -16.96 -28.10
CA GLN A 586 2.92 -17.05 -26.80
C GLN A 586 3.76 -17.87 -25.81
N SER A 587 3.45 -17.72 -24.53
CA SER A 587 4.05 -18.50 -23.48
C SER A 587 3.17 -18.42 -22.26
N THR A 588 2.90 -19.57 -21.68
CA THR A 588 2.05 -19.68 -20.50
C THR A 588 2.84 -20.36 -19.38
N ILE A 589 2.91 -19.72 -18.23
CA ILE A 589 3.70 -20.23 -17.12
C ILE A 589 2.89 -20.40 -15.83
N PRO A 590 2.90 -21.60 -15.30
CA PRO A 590 2.20 -21.89 -14.08
C PRO A 590 2.77 -20.98 -13.03
N TRP A 591 1.90 -20.42 -12.20
CA TRP A 591 2.31 -19.45 -11.20
C TRP A 591 3.56 -19.80 -10.42
N ASN A 592 3.55 -20.98 -9.83
CA ASN A 592 4.70 -21.40 -9.04
C ASN A 592 5.97 -21.74 -9.81
N SER A 593 5.94 -21.57 -11.13
CA SER A 593 7.10 -21.85 -11.93
C SER A 593 7.56 -20.54 -12.53
N LEU A 594 6.89 -19.47 -12.13
CA LEU A 594 7.22 -18.19 -12.65
C LEU A 594 8.48 -17.64 -11.91
N LYS A 595 9.59 -17.48 -12.63
CA LYS A 595 10.81 -16.98 -12.02
C LYS A 595 10.84 -15.45 -11.94
N GLN A 596 11.53 -14.91 -10.94
CA GLN A 596 11.54 -13.48 -10.76
C GLN A 596 12.77 -12.83 -11.27
N GLY A 597 12.71 -11.52 -11.36
CA GLY A 597 13.80 -10.72 -11.82
C GLY A 597 13.78 -10.55 -13.30
N TYR A 598 14.96 -10.39 -13.87
CA TYR A 598 15.06 -10.21 -15.27
C TYR A 598 15.02 -11.58 -15.92
N ARG A 599 14.11 -11.77 -16.85
CA ARG A 599 14.02 -13.04 -17.53
C ARG A 599 13.58 -12.84 -18.94
N HIS A 600 13.81 -13.88 -19.73
CA HIS A 600 13.38 -13.88 -21.10
C HIS A 600 12.27 -14.92 -21.19
N VAL A 601 11.18 -14.53 -21.84
CA VAL A 601 10.05 -15.42 -22.05
C VAL A 601 10.27 -15.96 -23.45
N HIS A 602 10.40 -17.27 -23.58
CA HIS A 602 10.65 -17.90 -24.86
C HIS A 602 9.35 -18.25 -25.55
N LEU A 603 9.09 -17.52 -26.63
CA LEU A 603 7.85 -17.63 -27.36
C LEU A 603 7.65 -18.92 -28.17
N LEU A 604 6.44 -19.44 -28.08
CA LEU A 604 6.05 -20.62 -28.83
C LEU A 604 5.08 -20.25 -29.96
N SER A 605 5.06 -21.08 -31.00
CA SER A 605 4.17 -20.89 -32.14
C SER A 605 2.78 -21.43 -31.79
N LYS A 606 1.86 -21.20 -32.69
CA LYS A 606 0.46 -21.64 -32.59
C LYS A 606 0.41 -23.11 -32.22
N ASN A 607 1.34 -23.87 -32.80
CA ASN A 607 1.41 -25.32 -32.64
C ASN A 607 2.19 -25.76 -31.46
N GLY A 608 2.60 -24.81 -30.62
CA GLY A 608 3.35 -25.14 -29.43
C GLY A 608 4.80 -25.39 -29.74
N ASP A 609 5.26 -25.04 -30.94
CA ASP A 609 6.67 -25.23 -31.27
C ASP A 609 7.51 -24.07 -30.78
N GLN A 610 8.77 -24.39 -30.48
CA GLN A 610 9.73 -23.39 -30.03
C GLN A 610 10.15 -22.41 -31.13
N HIS A 611 10.40 -21.20 -30.72
CA HIS A 611 10.87 -20.16 -31.60
C HIS A 611 12.18 -19.80 -30.99
N PRO A 612 13.15 -20.62 -31.34
CA PRO A 612 14.51 -20.50 -30.83
C PRO A 612 15.04 -19.09 -30.48
N SER A 613 14.76 -18.10 -31.33
CA SER A 613 15.25 -16.76 -31.04
C SER A 613 14.17 -15.77 -30.68
N ALA A 614 12.94 -16.21 -30.65
CA ALA A 614 11.88 -15.29 -30.34
C ALA A 614 11.66 -15.24 -28.84
N THR A 615 11.88 -14.07 -28.25
CA THR A 615 11.73 -13.91 -26.82
C THR A 615 11.14 -12.56 -26.44
N LEU A 616 10.79 -12.45 -25.17
CA LEU A 616 10.40 -11.20 -24.59
C LEU A 616 11.34 -11.04 -23.39
N PHE A 617 11.79 -9.83 -23.11
CA PHE A 617 12.66 -9.61 -21.97
C PHE A 617 11.76 -8.94 -20.97
N VAL A 618 11.62 -9.55 -19.80
CA VAL A 618 10.73 -8.98 -18.82
C VAL A 618 11.38 -8.92 -17.45
N LYS A 619 10.73 -8.21 -16.53
CA LYS A 619 11.18 -8.15 -15.17
C LYS A 619 9.98 -8.49 -14.35
N ILE A 620 10.10 -9.53 -13.56
CA ILE A 620 8.99 -10.00 -12.78
C ILE A 620 9.22 -9.88 -11.30
N SER A 621 8.17 -9.50 -10.59
CA SER A 621 8.29 -9.39 -9.16
C SER A 621 7.02 -9.89 -8.55
N ILE A 622 7.16 -10.73 -7.55
CA ILE A 622 6.01 -11.24 -6.85
C ILE A 622 6.20 -10.90 -5.37
N GLN A 623 5.29 -10.11 -4.81
CA GLN A 623 5.36 -9.70 -3.42
C GLN A 623 4.11 -10.12 -2.63
N ASP A 624 4.26 -10.20 -1.30
CA ASP A 624 3.15 -10.45 -0.36
C ASP A 624 3.10 -9.17 0.43
N ASN B 26 22.87 69.73 21.74
CA ASN B 26 22.78 68.37 22.31
C ASN B 26 21.77 68.25 23.47
N LYS B 27 20.48 68.42 23.13
CA LYS B 27 19.38 68.35 24.09
C LYS B 27 18.13 68.14 23.25
N MET B 28 17.41 67.04 23.49
CA MET B 28 16.23 66.74 22.69
C MET B 28 14.99 67.56 23.04
N ASN B 29 14.22 67.85 22.00
CA ASN B 29 12.97 68.56 22.12
C ASN B 29 11.89 67.56 21.74
N PHE B 30 10.74 67.69 22.38
CA PHE B 30 9.59 66.80 22.20
C PHE B 30 9.42 66.21 20.80
N LYS B 31 9.88 66.98 19.80
CA LYS B 31 9.81 66.56 18.42
C LYS B 31 10.83 65.44 18.14
N GLU B 32 12.09 65.68 18.48
CA GLU B 32 13.14 64.68 18.27
C GLU B 32 12.84 63.51 19.18
N LEU B 33 11.91 63.75 20.09
CA LEU B 33 11.50 62.75 21.06
C LEU B 33 10.50 61.84 20.39
N LYS B 34 9.36 62.45 19.98
CA LYS B 34 8.27 61.74 19.29
C LYS B 34 8.93 60.95 18.17
N ASP B 35 10.02 61.53 17.67
CA ASP B 35 10.92 60.98 16.67
C ASP B 35 11.56 59.70 17.21
N PHE B 36 12.62 59.92 17.98
CA PHE B 36 13.44 58.89 18.64
C PHE B 36 12.65 57.63 19.05
N LEU B 37 11.43 57.84 19.57
CA LEU B 37 10.58 56.73 20.00
C LEU B 37 10.33 55.78 18.85
N LYS B 38 9.69 56.30 17.80
CA LYS B 38 9.36 55.54 16.61
C LYS B 38 10.55 54.68 16.15
N GLU B 39 11.74 55.29 16.20
CA GLU B 39 12.99 54.65 15.81
C GLU B 39 13.21 53.22 16.37
N LEU B 40 12.62 52.96 17.54
CA LEU B 40 12.76 51.66 18.19
C LEU B 40 11.43 50.92 18.20
N ASN B 41 10.50 51.41 17.38
CA ASN B 41 9.16 50.83 17.22
C ASN B 41 8.22 51.13 18.36
N ILE B 42 8.72 51.84 19.37
CA ILE B 42 7.92 52.22 20.51
C ILE B 42 6.78 53.06 20.01
N GLN B 43 5.61 52.43 19.81
CA GLN B 43 4.45 53.17 19.33
C GLN B 43 4.29 54.19 20.41
N VAL B 44 4.84 55.33 20.08
CA VAL B 44 4.85 56.47 20.96
C VAL B 44 3.44 56.74 21.50
N ASP B 45 3.27 56.68 22.83
CA ASP B 45 1.96 56.95 23.43
C ASP B 45 1.48 58.38 23.22
N ASP B 46 0.16 58.51 23.30
CA ASP B 46 -0.50 59.81 23.15
C ASP B 46 0.00 60.65 24.32
N GLY B 47 -0.23 61.97 24.28
CA GLY B 47 0.12 62.95 25.34
C GLY B 47 0.38 62.38 26.75
N TYR B 48 1.39 61.54 26.74
CA TYR B 48 1.88 60.82 27.88
C TYR B 48 3.35 61.03 27.66
N ALA B 49 3.79 60.73 26.44
CA ALA B 49 5.18 60.93 26.06
C ALA B 49 5.60 62.36 26.33
N ARG B 50 4.64 63.28 26.23
CA ARG B 50 4.96 64.68 26.44
C ARG B 50 4.88 65.00 27.90
N LYS B 51 3.97 64.34 28.60
CA LYS B 51 3.84 64.53 30.05
C LYS B 51 5.17 64.14 30.74
N ILE B 52 5.62 62.94 30.44
CA ILE B 52 6.84 62.39 30.98
C ILE B 52 8.03 63.22 30.49
N PHE B 53 7.89 63.79 29.30
CA PHE B 53 8.95 64.63 28.75
C PHE B 53 9.08 65.83 29.70
N ARG B 54 7.92 66.45 29.98
CA ARG B 54 7.81 67.61 30.84
C ARG B 54 8.31 67.35 32.25
N GLU B 55 7.99 66.18 32.77
CA GLU B 55 8.40 65.80 34.10
C GLU B 55 9.90 65.72 34.20
N CYS B 56 10.54 65.43 33.08
CA CYS B 56 11.98 65.29 33.05
C CYS B 56 12.71 66.61 32.83
N ASP B 57 11.98 67.62 32.39
CA ASP B 57 12.56 68.93 32.08
C ASP B 57 12.57 69.94 33.23
N HIS B 58 13.69 69.94 33.98
CA HIS B 58 13.87 70.82 35.15
C HIS B 58 13.95 72.29 34.76
N SER B 59 14.66 72.57 33.67
CA SER B 59 14.85 73.93 33.18
C SER B 59 13.57 74.64 32.76
N GLN B 60 12.55 73.85 32.41
CA GLN B 60 11.26 74.37 31.97
C GLN B 60 11.37 74.91 30.54
N THR B 61 12.50 74.59 29.90
CA THR B 61 12.80 75.03 28.52
C THR B 61 12.20 74.18 27.42
N ASP B 62 11.47 73.12 27.81
CA ASP B 62 10.86 72.20 26.85
C ASP B 62 11.92 71.58 25.94
N SER B 63 13.11 71.45 26.52
CA SER B 63 14.27 70.84 25.87
C SER B 63 14.78 69.84 26.89
N LEU B 64 15.06 68.62 26.45
CA LEU B 64 15.60 67.66 27.39
C LEU B 64 17.10 67.55 27.30
N GLU B 65 17.73 67.96 28.38
CA GLU B 65 19.17 67.97 28.45
C GLU B 65 19.62 66.55 28.75
N ASP B 66 20.90 66.29 28.46
CA ASP B 66 21.58 64.98 28.64
C ASP B 66 20.94 63.94 29.61
N GLU B 67 21.23 64.09 30.91
CA GLU B 67 20.74 63.19 31.95
C GLU B 67 19.21 62.97 31.98
N GLU B 68 18.43 64.05 31.85
CA GLU B 68 16.97 63.96 31.87
C GLU B 68 16.45 63.05 30.75
N ILE B 69 17.17 63.02 29.64
CA ILE B 69 16.79 62.17 28.54
C ILE B 69 16.77 60.74 29.07
N GLU B 70 17.86 60.37 29.75
CA GLU B 70 17.99 59.04 30.34
C GLU B 70 16.78 58.80 31.20
N THR B 71 16.59 59.66 32.21
CA THR B 71 15.45 59.59 33.12
C THR B 71 14.17 59.45 32.32
N PHE B 72 14.08 60.21 31.23
CA PHE B 72 12.89 60.14 30.43
C PHE B 72 12.68 58.73 29.87
N TYR B 73 13.69 58.24 29.16
CA TYR B 73 13.64 56.94 28.53
C TYR B 73 13.37 55.83 29.53
N LYS B 74 13.94 55.98 30.72
CA LYS B 74 13.77 55.01 31.78
C LYS B 74 12.34 55.02 32.28
N MET B 75 11.82 56.20 32.59
CA MET B 75 10.44 56.31 33.06
C MET B 75 9.52 55.66 32.02
N LEU B 76 10.03 55.58 30.81
CA LEU B 76 9.27 55.06 29.71
C LEU B 76 9.35 53.57 29.63
N THR B 77 10.56 53.05 29.72
CA THR B 77 10.80 51.64 29.52
C THR B 77 10.87 50.75 30.74
N GLN B 78 10.77 51.34 31.91
CA GLN B 78 10.85 50.60 33.14
C GLN B 78 9.66 49.62 33.37
N ARG B 79 9.97 48.37 33.72
CA ARG B 79 8.93 47.38 34.01
C ARG B 79 8.92 47.07 35.49
N ALA B 80 8.12 47.82 36.20
CA ALA B 80 8.03 47.74 37.64
C ALA B 80 7.80 46.35 38.16
N GLU B 81 6.91 45.66 37.49
CA GLU B 81 6.53 44.31 37.85
C GLU B 81 7.77 43.43 37.81
N ILE B 82 8.65 43.73 36.88
CA ILE B 82 9.89 42.98 36.78
C ILE B 82 10.82 43.39 37.91
N ASP B 83 10.82 44.67 38.22
CA ASP B 83 11.65 45.20 39.26
C ASP B 83 11.25 44.50 40.52
N ARG B 84 9.96 44.51 40.81
CA ARG B 84 9.52 43.88 42.03
C ARG B 84 9.88 42.42 42.11
N ALA B 85 9.62 41.69 41.04
CA ALA B 85 9.92 40.28 41.08
C ALA B 85 11.42 40.08 41.34
N PHE B 86 12.24 40.88 40.67
CA PHE B 86 13.66 40.72 40.85
C PHE B 86 14.01 40.96 42.30
N GLU B 87 13.53 42.06 42.84
CA GLU B 87 13.83 42.38 44.22
C GLU B 87 13.37 41.33 45.22
N GLU B 88 12.12 40.86 45.10
CA GLU B 88 11.65 39.84 46.00
C GLU B 88 12.55 38.65 45.95
N ALA B 89 13.15 38.45 44.80
CA ALA B 89 14.03 37.31 44.64
C ALA B 89 15.42 37.53 45.18
N ALA B 90 16.01 38.67 44.88
CA ALA B 90 17.39 38.93 45.26
C ALA B 90 17.61 39.47 46.66
N GLY B 91 16.54 40.00 47.24
CA GLY B 91 16.60 40.59 48.56
C GLY B 91 17.38 41.91 48.54
N SER B 92 18.30 42.03 49.52
CA SER B 92 19.14 43.22 49.69
C SER B 92 20.10 43.41 48.51
N ALA B 93 20.67 42.30 48.06
CA ALA B 93 21.62 42.29 46.95
C ALA B 93 21.08 43.01 45.71
N GLU B 94 21.99 43.38 44.83
CA GLU B 94 21.63 44.05 43.57
C GLU B 94 21.76 42.98 42.48
N THR B 95 22.03 41.75 42.92
CA THR B 95 22.15 40.64 42.00
C THR B 95 21.64 39.36 42.61
N LEU B 96 21.39 38.38 41.75
CA LEU B 96 20.91 37.10 42.23
C LEU B 96 22.07 36.17 42.22
N SER B 97 22.29 35.57 43.38
CA SER B 97 23.34 34.61 43.54
C SER B 97 22.72 33.31 43.15
N VAL B 98 23.56 32.35 42.81
CA VAL B 98 23.10 31.03 42.43
C VAL B 98 22.06 30.46 43.39
N GLU B 99 22.30 30.62 44.67
CA GLU B 99 21.39 30.06 45.65
C GLU B 99 20.11 30.84 45.72
N ARG B 100 20.18 32.14 45.44
CA ARG B 100 18.97 32.94 45.46
C ARG B 100 18.20 32.51 44.21
N LEU B 101 18.91 32.33 43.10
CA LEU B 101 18.29 31.95 41.85
C LEU B 101 17.62 30.60 41.99
N VAL B 102 18.36 29.67 42.56
CA VAL B 102 17.84 28.35 42.75
C VAL B 102 16.60 28.44 43.59
N THR B 103 16.62 29.31 44.57
CA THR B 103 15.46 29.43 45.43
C THR B 103 14.27 29.95 44.63
N PHE B 104 14.53 30.93 43.77
CA PHE B 104 13.49 31.51 42.95
C PHE B 104 12.88 30.43 42.07
N LEU B 105 13.77 29.66 41.41
CA LEU B 105 13.38 28.59 40.51
C LEU B 105 12.45 27.59 41.11
N GLN B 106 12.61 27.33 42.39
CA GLN B 106 11.77 26.31 42.98
C GLN B 106 10.57 26.90 43.59
N HIS B 107 10.78 27.97 44.31
CA HIS B 107 9.66 28.55 45.01
C HIS B 107 8.72 29.31 44.13
N GLN B 108 9.28 30.07 43.20
CA GLN B 108 8.46 30.86 42.30
C GLN B 108 8.12 30.10 41.01
N GLN B 109 9.16 29.69 40.29
CA GLN B 109 9.03 28.96 39.05
C GLN B 109 8.68 27.51 39.22
N ARG B 110 8.68 27.03 40.45
CA ARG B 110 8.41 25.61 40.74
C ARG B 110 9.09 24.63 39.86
N GLU B 111 10.32 24.94 39.47
CA GLU B 111 11.03 24.03 38.62
C GLU B 111 11.31 22.79 39.46
N GLU B 112 11.23 21.62 38.83
CA GLU B 112 11.49 20.37 39.55
C GLU B 112 12.98 20.03 39.49
N GLU B 113 13.62 20.45 38.40
CA GLU B 113 15.07 20.26 38.22
C GLU B 113 15.80 21.49 38.83
N ALA B 114 15.11 22.19 39.72
CA ALA B 114 15.67 23.39 40.32
C ALA B 114 16.90 23.03 41.12
N GLY B 115 18.02 23.64 40.73
CA GLY B 115 19.26 23.38 41.39
C GLY B 115 20.28 24.25 40.70
N PRO B 116 21.48 24.17 41.24
CA PRO B 116 22.63 24.91 40.76
C PRO B 116 22.83 24.74 39.27
N ALA B 117 22.70 23.50 38.82
CA ALA B 117 22.90 23.20 37.40
C ALA B 117 21.99 24.10 36.57
N LEU B 118 20.70 24.07 36.88
CA LEU B 118 19.74 24.89 36.18
C LEU B 118 20.10 26.36 36.38
N ALA B 119 20.19 26.75 37.65
CA ALA B 119 20.48 28.12 38.04
C ALA B 119 21.71 28.62 37.30
N LEU B 120 22.67 27.73 37.21
CA LEU B 120 23.90 28.05 36.54
C LEU B 120 23.79 28.27 35.06
N SER B 121 23.16 27.29 34.41
CA SER B 121 23.02 27.35 32.96
C SER B 121 22.19 28.57 32.58
N LEU B 122 21.24 28.91 33.43
CA LEU B 122 20.42 30.07 33.13
C LEU B 122 21.33 31.26 33.10
N ILE B 123 22.20 31.35 34.08
CA ILE B 123 23.11 32.47 34.13
C ILE B 123 24.01 32.58 32.90
N GLU B 124 24.68 31.48 32.57
CA GLU B 124 25.59 31.50 31.43
C GLU B 124 24.86 31.88 30.18
N ARG B 125 23.71 31.26 30.03
CA ARG B 125 22.91 31.51 28.87
C ARG B 125 22.36 32.92 28.75
N TYR B 126 21.87 33.47 29.86
CA TYR B 126 21.20 34.78 29.82
C TYR B 126 21.84 35.98 30.49
N GLU B 127 22.83 35.75 31.35
CA GLU B 127 23.44 36.89 32.05
C GLU B 127 24.23 37.72 31.05
N PRO B 128 23.88 38.99 30.90
CA PRO B 128 24.58 39.87 29.97
C PRO B 128 25.92 40.36 30.60
N SER B 129 25.92 40.65 31.91
CA SER B 129 27.15 41.11 32.58
C SER B 129 28.25 40.03 32.63
N GLU B 130 29.27 40.20 31.79
CA GLU B 130 30.37 39.22 31.70
C GLU B 130 31.03 38.98 33.08
N THR B 131 30.99 40.00 33.91
CA THR B 131 31.58 39.95 35.23
C THR B 131 30.69 39.13 36.16
N ALA B 132 29.43 39.56 36.22
CA ALA B 132 28.42 38.90 37.04
C ALA B 132 28.43 37.46 36.68
N LYS B 133 28.44 37.25 35.37
CA LYS B 133 28.43 35.93 34.77
C LYS B 133 29.56 35.11 35.42
N ALA B 134 30.75 35.70 35.36
CA ALA B 134 31.97 35.09 35.90
C ALA B 134 31.81 34.78 37.38
N GLN B 135 31.22 35.71 38.12
CA GLN B 135 31.02 35.51 39.55
C GLN B 135 29.78 34.70 39.92
N ARG B 136 29.22 33.97 38.95
CA ARG B 136 28.02 33.15 39.19
C ARG B 136 26.87 33.94 39.80
N GLN B 137 26.54 35.06 39.15
CA GLN B 137 25.43 35.90 39.59
C GLN B 137 24.57 36.37 38.41
N MET B 138 23.33 36.74 38.71
CA MET B 138 22.43 37.18 37.68
C MET B 138 21.98 38.56 38.03
N THR B 139 22.08 39.47 37.08
CA THR B 139 21.65 40.82 37.29
C THR B 139 20.18 40.91 36.92
N LYS B 140 19.58 42.08 37.15
CA LYS B 140 18.19 42.24 36.80
C LYS B 140 18.03 41.99 35.31
N ASP B 141 18.97 42.47 34.54
CA ASP B 141 18.91 42.33 33.10
C ASP B 141 18.92 40.89 32.75
N GLY B 142 19.86 40.16 33.35
CA GLY B 142 19.95 38.73 33.11
C GLY B 142 18.59 38.14 33.49
N PHE B 143 18.01 38.63 34.58
CA PHE B 143 16.72 38.14 35.07
C PHE B 143 15.67 38.32 33.98
N LEU B 144 15.64 39.51 33.41
CA LEU B 144 14.67 39.81 32.38
C LEU B 144 14.88 38.91 31.19
N MET B 145 16.13 38.79 30.78
CA MET B 145 16.49 37.98 29.64
C MET B 145 15.94 36.59 29.78
N TYR B 146 16.24 36.00 30.90
CA TYR B 146 15.79 34.66 31.14
C TYR B 146 14.27 34.58 31.05
N LEU B 147 13.60 35.56 31.63
CA LEU B 147 12.15 35.59 31.61
C LEU B 147 11.55 35.76 30.21
N LEU B 148 12.31 36.41 29.32
CA LEU B 148 11.82 36.65 27.97
C LEU B 148 12.27 35.55 27.03
N SER B 149 13.07 34.63 27.56
CA SER B 149 13.62 33.55 26.78
C SER B 149 12.72 32.31 26.66
N ALA B 150 13.25 31.32 25.95
CA ALA B 150 12.51 30.10 25.76
C ALA B 150 12.31 29.44 27.09
N ASP B 151 13.20 29.76 28.01
CA ASP B 151 13.12 29.16 29.35
C ASP B 151 12.08 29.88 30.21
N GLY B 152 11.85 31.15 29.90
CA GLY B 152 10.86 31.92 30.64
C GLY B 152 9.47 31.81 30.02
N ASN B 153 9.42 31.17 28.86
CA ASN B 153 8.18 30.97 28.10
C ASN B 153 7.14 30.18 28.87
N ALA B 154 5.89 30.63 28.84
CA ALA B 154 4.83 29.92 29.53
C ALA B 154 4.61 28.55 28.93
N PHE B 155 5.08 28.37 27.71
CA PHE B 155 4.96 27.10 27.04
C PHE B 155 6.26 26.35 27.29
N SER B 156 6.16 25.25 28.06
CA SER B 156 7.33 24.48 28.44
C SER B 156 8.32 24.19 27.35
N LEU B 157 9.49 24.78 27.46
CA LEU B 157 10.53 24.56 26.50
C LEU B 157 10.80 23.05 26.38
N ALA B 158 10.65 22.36 27.49
CA ALA B 158 10.91 20.91 27.47
C ALA B 158 9.95 20.12 26.55
N HIS B 159 8.76 20.66 26.33
CA HIS B 159 7.76 19.99 25.49
C HIS B 159 7.87 20.43 24.06
N ARG B 160 8.83 21.29 23.80
CA ARG B 160 9.05 21.80 22.48
C ARG B 160 10.08 20.96 21.76
N ARG B 161 10.20 19.72 22.21
CA ARG B 161 11.02 18.76 21.53
C ARG B 161 10.30 17.45 21.73
N VAL B 162 10.50 16.53 20.80
CA VAL B 162 9.80 15.27 20.91
C VAL B 162 10.26 14.60 22.19
N TYR B 163 9.34 14.38 23.10
CA TYR B 163 9.73 13.75 24.34
C TYR B 163 8.76 12.68 24.72
N GLN B 164 7.73 12.49 23.93
CA GLN B 164 6.78 11.47 24.32
C GLN B 164 7.15 10.10 23.80
N ASP B 165 6.40 9.08 24.24
CA ASP B 165 6.59 7.70 23.82
C ASP B 165 6.03 7.57 22.40
N MET B 166 6.95 7.53 21.44
CA MET B 166 6.63 7.47 20.01
C MET B 166 6.63 6.07 19.48
N ASP B 167 6.45 5.11 20.36
CA ASP B 167 6.50 3.74 19.91
C ASP B 167 5.18 3.05 19.97
N GLN B 168 4.13 3.79 20.27
CA GLN B 168 2.82 3.15 20.29
C GLN B 168 2.21 3.20 18.91
N PRO B 169 1.14 2.44 18.73
CA PRO B 169 0.46 2.37 17.46
C PRO B 169 -0.14 3.75 17.13
N LEU B 170 -0.15 4.08 15.85
CA LEU B 170 -0.67 5.38 15.38
C LEU B 170 -1.96 5.79 16.03
N SER B 171 -2.81 4.83 16.27
CA SER B 171 -4.08 5.14 16.84
C SER B 171 -4.02 5.69 18.26
N HIS B 172 -2.82 5.70 18.83
CA HIS B 172 -2.66 6.16 20.20
C HIS B 172 -2.27 7.65 20.23
N TYR B 173 -2.05 8.25 19.07
CA TYR B 173 -1.67 9.65 19.02
C TYR B 173 -2.72 10.50 18.33
N LEU B 174 -2.72 11.81 18.58
CA LEU B 174 -3.57 12.72 17.84
C LEU B 174 -2.68 13.05 16.68
N VAL B 175 -3.23 13.15 15.47
CA VAL B 175 -2.42 13.43 14.28
C VAL B 175 -2.81 14.74 13.61
N SER B 176 -1.82 15.57 13.35
CA SER B 176 -2.10 16.85 12.71
C SER B 176 -2.62 16.55 11.31
N SER B 177 -3.86 16.94 11.07
CA SER B 177 -4.50 16.64 9.79
C SER B 177 -5.28 17.79 9.16
N SER B 178 -5.18 17.90 7.84
CA SER B 178 -5.86 18.95 7.13
C SER B 178 -6.96 18.46 6.22
N HIS B 179 -7.89 19.34 5.91
CA HIS B 179 -8.98 19.01 5.02
C HIS B 179 -8.82 19.75 3.68
N ASN B 180 -9.00 19.04 2.56
CA ASN B 180 -8.85 19.59 1.19
C ASN B 180 -7.69 20.50 1.08
N THR B 181 -6.58 19.95 1.53
CA THR B 181 -5.33 20.63 1.62
C THR B 181 -4.94 21.43 0.44
N TYR B 182 -5.41 21.06 -0.74
CA TYR B 182 -5.01 21.77 -1.96
C TYR B 182 -5.60 23.17 -2.04
N LEU B 183 -6.66 23.42 -1.27
CA LEU B 183 -7.35 24.73 -1.27
C LEU B 183 -6.70 25.90 -0.46
N LEU B 184 -6.66 27.08 -1.07
CA LEU B 184 -6.08 28.26 -0.44
C LEU B 184 -7.15 29.12 0.21
N GLU B 185 -8.38 28.99 -0.28
CA GLU B 185 -9.48 29.77 0.20
C GLU B 185 -10.75 28.99 0.40
N ASP B 186 -11.83 29.43 -0.23
CA ASP B 186 -13.15 28.77 -0.02
C ASP B 186 -13.23 27.45 -0.76
N GLN B 187 -14.35 26.74 -0.56
CA GLN B 187 -14.54 25.42 -1.15
C GLN B 187 -15.24 25.38 -2.51
N LEU B 188 -15.68 26.54 -3.01
CA LEU B 188 -16.46 26.63 -4.25
C LEU B 188 -15.79 27.21 -5.48
N THR B 189 -15.13 28.34 -5.31
CA THR B 189 -14.52 28.96 -6.47
C THR B 189 -13.09 29.39 -6.22
N GLY B 190 -12.62 29.27 -4.97
CA GLY B 190 -11.25 29.69 -4.64
C GLY B 190 -10.17 28.90 -5.37
N PRO B 191 -8.94 29.37 -5.25
CA PRO B 191 -7.83 28.71 -5.92
C PRO B 191 -7.29 27.49 -5.15
N SER B 192 -6.61 26.62 -5.90
CA SER B 192 -5.96 25.41 -5.38
C SER B 192 -4.49 25.64 -5.74
N SER B 193 -3.57 25.11 -4.94
CA SER B 193 -2.15 25.33 -5.24
C SER B 193 -1.23 24.41 -4.47
N THR B 194 -0.09 24.11 -5.06
CA THR B 194 0.87 23.28 -4.35
C THR B 194 1.27 24.07 -3.10
N GLU B 195 1.24 25.40 -3.19
CA GLU B 195 1.59 26.25 -2.05
C GLU B 195 0.75 25.87 -0.82
N ALA B 196 -0.48 25.42 -1.01
CA ALA B 196 -1.31 25.08 0.15
C ALA B 196 -0.75 23.88 0.89
N TYR B 197 -0.22 22.94 0.13
CA TYR B 197 0.37 21.74 0.73
C TYR B 197 1.66 22.09 1.47
N ILE B 198 2.48 22.91 0.84
CA ILE B 198 3.74 23.29 1.44
C ILE B 198 3.51 24.01 2.75
N ARG B 199 2.59 24.95 2.70
CA ARG B 199 2.26 25.72 3.85
C ARG B 199 1.80 24.79 4.94
N ALA B 200 0.86 23.90 4.65
CA ALA B 200 0.37 23.01 5.70
C ALA B 200 1.48 22.14 6.26
N LEU B 201 2.35 21.71 5.37
CA LEU B 201 3.44 20.86 5.77
C LEU B 201 4.41 21.68 6.62
N CYS B 202 4.62 22.92 6.27
CA CYS B 202 5.51 23.70 7.08
C CYS B 202 4.86 23.96 8.43
N LYS B 203 3.55 23.89 8.53
CA LYS B 203 2.89 24.07 9.82
C LYS B 203 2.82 22.75 10.59
N GLY B 204 3.57 21.77 10.09
CA GLY B 204 3.64 20.45 10.76
C GLY B 204 2.54 19.45 10.46
N CYS B 205 1.67 19.77 9.50
CA CYS B 205 0.59 18.86 9.17
C CYS B 205 1.16 17.49 8.72
N ARG B 206 0.56 16.43 9.23
CA ARG B 206 1.01 15.08 8.88
C ARG B 206 0.04 14.40 7.89
N CYS B 207 -1.25 14.62 8.05
CA CYS B 207 -2.21 14.01 7.18
C CYS B 207 -2.82 14.99 6.17
N LEU B 208 -2.43 14.83 4.91
CA LEU B 208 -2.85 15.66 3.81
C LEU B 208 -3.94 15.03 2.95
N GLU B 209 -4.78 15.87 2.33
CA GLU B 209 -5.88 15.40 1.47
C GLU B 209 -5.68 15.73 0.00
N LEU B 210 -5.85 14.71 -0.84
CA LEU B 210 -5.70 14.83 -2.29
C LEU B 210 -6.96 14.34 -2.97
N ASP B 211 -7.70 15.25 -3.61
CA ASP B 211 -8.93 14.92 -4.36
C ASP B 211 -8.55 14.78 -5.81
N CYS B 212 -8.46 13.54 -6.23
CA CYS B 212 -7.98 13.17 -7.55
C CYS B 212 -9.06 12.95 -8.59
N TRP B 213 -8.88 13.66 -9.70
CA TRP B 213 -9.81 13.65 -10.78
C TRP B 213 -9.03 13.54 -12.07
N ASP B 214 -9.71 13.11 -13.11
CA ASP B 214 -9.09 12.91 -14.39
C ASP B 214 -8.80 14.26 -14.96
N GLY B 215 -7.65 14.39 -15.62
CA GLY B 215 -7.31 15.65 -16.24
C GLY B 215 -6.95 15.43 -17.70
N PRO B 216 -6.83 16.53 -18.42
CA PRO B 216 -6.45 16.50 -19.82
C PRO B 216 -5.10 15.81 -19.94
N ASN B 217 -4.73 15.50 -21.17
CA ASN B 217 -3.44 14.93 -21.45
C ASN B 217 -3.16 13.73 -20.59
N GLN B 218 -4.21 13.17 -20.03
CA GLN B 218 -4.07 11.97 -19.23
C GLN B 218 -3.31 12.13 -17.93
N GLU B 219 -3.21 13.36 -17.45
CA GLU B 219 -2.51 13.62 -16.21
C GLU B 219 -3.59 13.95 -15.22
N PRO B 220 -3.66 13.18 -14.15
CA PRO B 220 -4.66 13.42 -13.11
C PRO B 220 -4.42 14.79 -12.44
N ILE B 221 -5.54 15.43 -12.10
CA ILE B 221 -5.50 16.74 -11.51
C ILE B 221 -6.14 16.67 -10.14
N ILE B 222 -5.95 17.73 -9.36
CA ILE B 222 -6.56 17.81 -8.05
C ILE B 222 -7.35 19.11 -7.98
N TYR B 223 -8.55 19.01 -7.44
CA TYR B 223 -9.38 20.17 -7.23
C TYR B 223 -10.58 19.66 -6.50
N HIS B 224 -11.49 20.55 -6.12
CA HIS B 224 -12.65 20.14 -5.33
C HIS B 224 -13.81 19.74 -6.25
N GLY B 225 -14.13 18.45 -6.25
CA GLY B 225 -15.14 17.89 -7.12
C GLY B 225 -16.46 18.62 -7.11
N TYR B 226 -16.92 18.97 -8.32
CA TYR B 226 -18.22 19.61 -8.54
C TYR B 226 -18.28 21.06 -8.08
N THR B 227 -17.16 21.76 -8.19
CA THR B 227 -17.12 23.15 -7.80
C THR B 227 -16.26 23.79 -8.84
N PHE B 228 -15.98 25.06 -8.65
CA PHE B 228 -15.19 25.76 -9.63
C PHE B 228 -13.82 26.09 -9.13
N THR B 229 -13.40 25.40 -8.07
CA THR B 229 -12.06 25.64 -7.52
C THR B 229 -11.01 25.36 -8.58
N SER B 230 -9.96 26.18 -8.64
CA SER B 230 -8.95 25.97 -9.65
C SER B 230 -8.36 24.58 -9.55
N LYS B 231 -7.58 24.18 -10.54
CA LYS B 231 -7.05 22.82 -10.56
C LYS B 231 -5.57 22.77 -10.64
N ILE B 232 -5.00 21.69 -10.11
CA ILE B 232 -3.55 21.54 -10.15
C ILE B 232 -3.22 20.09 -10.42
N LEU B 233 -1.98 19.85 -10.86
CA LEU B 233 -1.58 18.50 -11.17
C LEU B 233 -1.21 17.68 -10.01
N PHE B 234 -1.72 16.46 -10.05
CA PHE B 234 -1.41 15.50 -9.03
C PHE B 234 0.12 15.33 -8.91
N CYS B 235 0.81 15.23 -10.03
CA CYS B 235 2.25 15.06 -9.95
C CYS B 235 2.94 16.25 -9.29
N ASP B 236 2.53 17.46 -9.66
CA ASP B 236 3.11 18.64 -9.09
C ASP B 236 2.87 18.60 -7.60
N VAL B 237 1.70 18.16 -7.21
CA VAL B 237 1.42 18.06 -5.81
C VAL B 237 2.38 17.08 -5.14
N LEU B 238 2.69 15.99 -5.80
CA LEU B 238 3.56 14.99 -5.17
C LEU B 238 4.96 15.50 -4.96
N ARG B 239 5.44 16.28 -5.91
CA ARG B 239 6.79 16.85 -5.82
C ARG B 239 6.92 17.74 -4.59
N ALA B 240 5.94 18.61 -4.43
CA ALA B 240 5.89 19.54 -3.30
C ALA B 240 5.86 18.77 -1.99
N ILE B 241 5.06 17.70 -1.96
CA ILE B 241 4.96 16.91 -0.74
C ILE B 241 6.29 16.24 -0.52
N ARG B 242 6.85 15.74 -1.58
CA ARG B 242 8.14 15.09 -1.49
C ARG B 242 9.14 16.04 -0.88
N ASP B 243 9.13 17.29 -1.33
CA ASP B 243 10.08 18.24 -0.80
C ASP B 243 9.88 18.71 0.62
N TYR B 244 8.64 18.74 1.10
CA TYR B 244 8.42 19.31 2.42
C TYR B 244 7.91 18.41 3.45
N ALA B 245 7.71 17.17 3.09
CA ALA B 245 7.10 16.22 3.99
C ALA B 245 7.73 16.18 5.37
N PHE B 246 9.05 16.25 5.40
CA PHE B 246 9.74 16.13 6.66
C PHE B 246 10.48 17.37 7.15
N LYS B 247 10.18 18.50 6.54
CA LYS B 247 10.83 19.71 6.92
C LYS B 247 10.53 19.99 8.37
N ALA B 248 9.30 19.74 8.79
CA ALA B 248 8.89 20.05 10.16
C ALA B 248 8.93 18.93 11.17
N SER B 249 8.92 17.72 10.66
CA SER B 249 8.89 16.56 11.50
C SER B 249 9.40 15.45 10.65
N PRO B 250 9.96 14.47 11.31
CA PRO B 250 10.51 13.32 10.64
C PRO B 250 9.44 12.23 10.63
N TYR B 251 8.35 12.45 11.35
CA TYR B 251 7.31 11.44 11.43
C TYR B 251 6.44 11.30 10.18
N PRO B 252 5.85 10.11 10.01
CA PRO B 252 5.09 9.78 8.80
C PRO B 252 4.00 10.74 8.32
N VAL B 253 3.97 10.95 7.00
CA VAL B 253 2.95 11.75 6.37
C VAL B 253 1.96 10.77 5.73
N ILE B 254 0.68 11.00 5.96
CA ILE B 254 -0.36 10.15 5.39
C ILE B 254 -1.12 10.92 4.35
N LEU B 255 -1.25 10.35 3.16
CA LEU B 255 -1.98 11.00 2.10
C LEU B 255 -3.35 10.40 2.02
N SER B 256 -4.37 11.20 2.28
CA SER B 256 -5.73 10.74 2.21
C SER B 256 -6.20 11.02 0.80
N LEU B 257 -6.29 9.96 0.02
CA LEU B 257 -6.68 10.08 -1.36
C LEU B 257 -8.18 9.91 -1.49
N GLU B 258 -8.80 10.88 -2.12
CA GLU B 258 -10.23 10.82 -2.46
C GLU B 258 -10.16 10.65 -3.97
N ASN B 259 -10.34 9.40 -4.40
CA ASN B 259 -10.14 9.00 -5.78
C ASN B 259 -11.33 9.05 -6.69
N HIS B 260 -11.25 9.88 -7.72
CA HIS B 260 -12.34 10.00 -8.69
C HIS B 260 -11.78 9.76 -10.07
N CYS B 261 -10.61 9.14 -10.12
CA CYS B 261 -9.95 8.93 -11.36
C CYS B 261 -10.44 7.70 -12.09
N SER B 262 -10.32 7.75 -13.41
CA SER B 262 -10.67 6.61 -14.22
C SER B 262 -9.60 5.59 -13.94
N LEU B 263 -9.79 4.39 -14.45
CA LEU B 263 -8.82 3.32 -14.22
C LEU B 263 -7.46 3.65 -14.75
N GLU B 264 -7.41 4.23 -15.93
CA GLU B 264 -6.13 4.57 -16.46
C GLU B 264 -5.45 5.66 -15.66
N GLN B 265 -6.17 6.73 -15.31
CA GLN B 265 -5.55 7.82 -14.57
C GLN B 265 -5.14 7.34 -13.19
N GLN B 266 -5.83 6.34 -12.67
CA GLN B 266 -5.43 5.78 -11.42
C GLN B 266 -4.06 5.15 -11.62
N ARG B 267 -3.85 4.52 -12.75
CA ARG B 267 -2.58 3.92 -13.02
C ARG B 267 -1.52 4.99 -13.07
N VAL B 268 -1.84 6.11 -13.72
CA VAL B 268 -0.92 7.24 -13.79
C VAL B 268 -0.59 7.73 -12.37
N MET B 269 -1.59 7.76 -11.50
CA MET B 269 -1.37 8.16 -10.13
C MET B 269 -0.32 7.26 -9.50
N ALA B 270 -0.57 5.97 -9.55
CA ALA B 270 0.36 5.01 -8.96
C ALA B 270 1.77 5.19 -9.50
N ARG B 271 1.88 5.46 -10.79
CA ARG B 271 3.20 5.61 -11.41
C ARG B 271 3.92 6.77 -10.80
N HIS B 272 3.20 7.89 -10.74
CA HIS B 272 3.71 9.11 -10.20
C HIS B 272 4.14 8.90 -8.74
N LEU B 273 3.27 8.26 -7.99
CA LEU B 273 3.51 7.99 -6.60
C LEU B 273 4.86 7.31 -6.42
N ARG B 274 5.03 6.21 -7.13
CA ARG B 274 6.23 5.41 -7.08
C ARG B 274 7.41 6.20 -7.60
N ALA B 275 7.25 6.79 -8.76
CA ALA B 275 8.33 7.49 -9.37
C ALA B 275 8.80 8.69 -8.60
N ILE B 276 7.86 9.42 -8.02
CA ILE B 276 8.18 10.64 -7.31
C ILE B 276 8.51 10.44 -5.85
N LEU B 277 7.73 9.64 -5.16
CA LEU B 277 7.98 9.43 -3.78
C LEU B 277 9.15 8.49 -3.59
N GLY B 278 9.27 7.57 -4.53
CA GLY B 278 10.31 6.57 -4.45
C GLY B 278 10.31 5.85 -3.11
N PRO B 279 11.50 5.74 -2.55
CA PRO B 279 11.70 5.04 -1.28
C PRO B 279 10.97 5.61 -0.06
N ILE B 280 10.60 6.89 -0.09
CA ILE B 280 9.88 7.46 1.03
C ILE B 280 8.51 6.79 1.15
N LEU B 281 7.96 6.38 0.01
CA LEU B 281 6.65 5.75 -0.03
C LEU B 281 6.59 4.40 0.60
N LEU B 282 5.66 4.20 1.52
CA LEU B 282 5.49 2.91 2.12
C LEU B 282 4.56 2.13 1.19
N ASP B 283 5.09 1.11 0.54
CA ASP B 283 4.26 0.31 -0.38
C ASP B 283 4.18 -1.13 0.03
N GLN B 284 4.69 -1.45 1.21
CA GLN B 284 4.63 -2.81 1.65
C GLN B 284 4.64 -2.79 3.15
N PRO B 285 3.96 -3.75 3.72
CA PRO B 285 3.84 -3.84 5.16
C PRO B 285 5.19 -3.85 5.78
N LEU B 286 5.23 -3.45 7.04
CA LEU B 286 6.47 -3.38 7.80
C LEU B 286 6.75 -4.70 8.44
N ASP B 287 8.00 -4.91 8.77
CA ASP B 287 8.38 -6.13 9.42
C ASP B 287 8.06 -5.96 10.90
N GLY B 288 7.37 -6.93 11.47
CA GLY B 288 7.06 -6.85 12.89
C GLY B 288 5.71 -6.25 13.24
N VAL B 289 5.05 -5.69 12.27
CA VAL B 289 3.76 -5.09 12.55
C VAL B 289 2.68 -6.02 12.08
N THR B 290 1.95 -6.60 13.02
CA THR B 290 0.93 -7.56 12.62
C THR B 290 -0.40 -7.46 13.30
N THR B 291 -0.38 -7.09 14.58
CA THR B 291 -1.61 -7.02 15.36
C THR B 291 -2.13 -5.59 15.57
N SER B 292 -1.33 -4.60 15.21
CA SER B 292 -1.73 -3.24 15.45
C SER B 292 -1.09 -2.34 14.45
N LEU B 293 -1.44 -1.07 14.47
CA LEU B 293 -0.87 -0.15 13.50
C LEU B 293 0.57 0.07 13.89
N PRO B 294 1.38 0.42 12.94
CA PRO B 294 2.75 0.72 13.25
C PRO B 294 2.74 1.94 14.16
N SER B 295 3.91 2.26 14.70
CA SER B 295 4.07 3.41 15.57
C SER B 295 4.65 4.50 14.67
N PRO B 296 4.72 5.71 15.19
CA PRO B 296 5.28 6.79 14.41
C PRO B 296 6.77 6.50 14.18
N GLU B 297 7.41 5.91 15.17
CA GLU B 297 8.82 5.60 15.05
C GLU B 297 9.02 4.59 13.94
N GLN B 298 8.18 3.58 13.96
CA GLN B 298 8.27 2.52 12.95
C GLN B 298 8.06 3.03 11.55
N LEU B 299 7.32 4.14 11.44
CA LEU B 299 7.02 4.75 10.14
C LEU B 299 7.83 6.00 9.78
N LYS B 300 8.82 6.33 10.61
CA LYS B 300 9.65 7.50 10.43
C LYS B 300 10.14 7.63 9.03
N GLY B 301 10.07 8.83 8.49
CA GLY B 301 10.57 9.06 7.14
C GLY B 301 9.70 8.48 6.07
N LYS B 302 8.54 7.95 6.43
CA LYS B 302 7.67 7.38 5.42
C LYS B 302 6.42 8.18 5.11
N ILE B 303 5.95 8.04 3.89
CA ILE B 303 4.70 8.63 3.49
C ILE B 303 3.79 7.44 3.19
N LEU B 304 2.65 7.33 3.87
CA LEU B 304 1.75 6.24 3.57
C LEU B 304 0.44 6.71 3.01
N LEU B 305 -0.23 5.81 2.31
CA LEU B 305 -1.47 6.10 1.63
C LEU B 305 -2.66 5.67 2.38
N LYS B 306 -3.70 6.49 2.26
CA LYS B 306 -5.00 6.20 2.81
C LYS B 306 -5.94 6.29 1.63
N GLY B 307 -6.79 5.29 1.48
CA GLY B 307 -7.72 5.27 0.36
C GLY B 307 -8.53 3.98 0.36
N LYS B 308 -9.37 3.84 -0.66
CA LYS B 308 -10.19 2.65 -0.80
C LYS B 308 -9.34 1.52 -1.37
N LYS B 309 -9.52 0.33 -0.83
CA LYS B 309 -8.72 -0.79 -1.26
C LYS B 309 -9.60 -1.89 -1.82
N LEU B 310 -9.09 -2.55 -2.85
CA LEU B 310 -9.79 -3.67 -3.47
C LEU B 310 -10.13 -4.69 -2.41
N GLY B 311 -11.40 -5.03 -2.37
CA GLY B 311 -11.92 -5.96 -1.39
C GLY B 311 -11.11 -7.25 -1.38
N GLY B 312 -10.99 -7.82 -0.19
CA GLY B 312 -10.32 -9.08 -0.01
C GLY B 312 -11.46 -10.05 0.30
N LEU B 313 -11.20 -11.01 1.19
CA LEU B 313 -12.20 -11.98 1.59
C LEU B 313 -13.54 -11.36 1.97
N ASP B 352 -15.70 -2.80 -7.91
CA ASP B 352 -14.37 -2.75 -7.28
C ASP B 352 -13.29 -2.78 -8.36
N LYS B 353 -12.98 -3.99 -8.85
CA LYS B 353 -11.97 -4.22 -9.88
C LYS B 353 -12.31 -3.44 -11.13
N LEU B 354 -13.56 -3.00 -11.20
CA LEU B 354 -14.04 -2.20 -12.32
C LEU B 354 -14.05 -0.76 -11.82
N LYS B 355 -13.62 -0.60 -10.56
CA LYS B 355 -13.59 0.70 -9.92
C LYS B 355 -12.19 1.10 -9.44
N LEU B 356 -11.38 0.12 -9.04
CA LEU B 356 -10.06 0.36 -8.50
C LEU B 356 -8.98 -0.43 -9.21
N VAL B 357 -7.84 0.18 -9.55
CA VAL B 357 -6.74 -0.59 -10.14
C VAL B 357 -5.76 -1.08 -9.03
N PRO B 358 -5.24 -2.29 -9.20
CA PRO B 358 -4.35 -2.91 -8.21
C PRO B 358 -3.10 -2.09 -7.95
N GLU B 359 -2.60 -1.45 -8.99
CA GLU B 359 -1.43 -0.64 -8.88
C GLU B 359 -1.54 0.36 -7.71
N LEU B 360 -2.72 0.94 -7.55
CA LEU B 360 -3.00 1.92 -6.52
C LEU B 360 -3.42 1.19 -5.29
N SER B 361 -4.44 0.36 -5.45
CA SER B 361 -5.00 -0.35 -4.32
C SER B 361 -3.95 -1.10 -3.54
N ASP B 362 -2.93 -1.60 -4.23
CA ASP B 362 -1.89 -2.38 -3.58
C ASP B 362 -0.95 -1.56 -2.74
N MET B 363 -1.00 -0.24 -2.89
CA MET B 363 -0.16 0.67 -2.12
C MET B 363 -0.85 1.09 -0.82
N ILE B 364 -2.11 0.70 -0.65
CA ILE B 364 -2.85 1.03 0.58
C ILE B 364 -2.56 -0.09 1.56
N ILE B 365 -1.76 0.18 2.59
CA ILE B 365 -1.39 -0.84 3.57
C ILE B 365 -2.07 -0.71 4.92
N TYR B 366 -1.87 0.42 5.58
CA TYR B 366 -2.41 0.55 6.92
C TYR B 366 -3.65 1.38 7.06
N CYS B 367 -4.03 2.09 6.00
CA CYS B 367 -5.18 2.99 6.05
C CYS B 367 -6.21 2.74 4.96
N LYS B 368 -6.93 1.64 5.13
CA LYS B 368 -7.95 1.27 4.19
C LYS B 368 -9.20 2.03 4.54
N SER B 369 -9.64 2.90 3.61
CA SER B 369 -10.80 3.73 3.80
C SER B 369 -12.01 2.86 3.84
N VAL B 370 -12.79 3.02 4.88
CA VAL B 370 -13.91 2.17 5.08
C VAL B 370 -15.09 2.97 5.53
N HIS B 371 -16.28 2.40 5.36
CA HIS B 371 -17.50 3.06 5.79
C HIS B 371 -17.77 2.66 7.19
N PHE B 372 -18.20 3.61 8.01
CA PHE B 372 -18.46 3.29 9.40
C PHE B 372 -19.47 2.16 9.52
N GLY B 373 -19.05 1.11 10.22
CA GLY B 373 -19.91 -0.04 10.45
C GLY B 373 -20.65 0.16 11.77
N GLY B 374 -19.88 0.33 12.83
CA GLY B 374 -20.44 0.55 14.14
C GLY B 374 -19.34 0.24 15.11
N PHE B 375 -19.59 0.58 16.35
CA PHE B 375 -18.63 0.31 17.38
C PHE B 375 -19.09 -1.02 17.93
N SER B 376 -18.20 -2.00 17.86
CA SER B 376 -18.47 -3.34 18.40
C SER B 376 -17.58 -3.43 19.64
N SER B 377 -17.69 -4.54 20.38
CA SER B 377 -16.91 -4.88 21.58
C SER B 377 -17.49 -5.90 22.54
N PRO B 378 -16.61 -6.82 22.91
CA PRO B 378 -15.29 -6.77 22.26
C PRO B 378 -15.39 -7.76 21.09
N GLY B 379 -15.94 -7.30 19.96
CA GLY B 379 -16.17 -8.18 18.81
C GLY B 379 -15.61 -7.82 17.43
N THR B 380 -16.09 -8.56 16.42
CA THR B 380 -15.67 -8.43 15.03
C THR B 380 -16.43 -7.42 14.18
N SER B 381 -16.96 -6.36 14.79
CA SER B 381 -17.70 -5.37 14.01
C SER B 381 -16.90 -4.10 13.79
N GLY B 382 -16.30 -3.61 14.86
CA GLY B 382 -15.44 -2.42 14.83
C GLY B 382 -14.17 -2.78 14.03
N GLN B 383 -14.14 -2.28 12.80
CA GLN B 383 -13.08 -2.52 11.82
C GLN B 383 -11.66 -2.94 12.31
N ALA B 384 -10.84 -3.36 11.36
CA ALA B 384 -9.51 -3.78 11.71
C ALA B 384 -8.63 -2.56 11.95
N PHE B 385 -7.57 -2.79 12.69
CA PHE B 385 -6.61 -1.78 13.02
C PHE B 385 -6.16 -1.05 11.76
N TYR B 386 -6.19 -1.73 10.62
CA TYR B 386 -5.75 -1.07 9.40
C TYR B 386 -6.93 -0.54 8.58
N GLU B 387 -8.08 -0.46 9.22
CA GLU B 387 -9.23 0.09 8.55
C GLU B 387 -9.59 1.40 9.18
N MET B 388 -9.81 2.40 8.35
CA MET B 388 -10.16 3.72 8.84
C MET B 388 -11.47 4.27 8.34
N ALA B 389 -12.35 4.63 9.25
CA ALA B 389 -13.60 5.26 8.89
C ALA B 389 -13.47 6.80 8.97
N SER B 390 -14.22 7.51 8.13
CA SER B 390 -14.25 8.98 8.09
C SER B 390 -15.62 9.44 8.53
N PHE B 391 -15.68 10.51 9.29
CA PHE B 391 -16.97 11.04 9.72
C PHE B 391 -16.96 12.52 9.53
N SER B 392 -18.09 13.02 9.08
CA SER B 392 -18.27 14.45 8.92
C SER B 392 -18.48 14.97 10.34
N GLU B 393 -18.23 16.25 10.51
CA GLU B 393 -18.38 16.90 11.79
C GLU B 393 -19.74 16.58 12.42
N SER B 394 -20.76 16.69 11.62
CA SER B 394 -22.13 16.43 12.05
C SER B 394 -22.31 15.01 12.54
N ARG B 395 -21.88 14.06 11.73
CA ARG B 395 -22.06 12.67 12.13
C ARG B 395 -21.25 12.36 13.35
N ALA B 396 -20.02 12.84 13.36
CA ALA B 396 -19.15 12.60 14.48
C ALA B 396 -19.84 13.11 15.73
N LEU B 397 -20.40 14.31 15.65
CA LEU B 397 -21.05 14.84 16.83
C LEU B 397 -22.17 13.96 17.32
N ARG B 398 -22.97 13.47 16.38
CA ARG B 398 -24.06 12.62 16.77
C ARG B 398 -23.56 11.40 17.51
N LEU B 399 -22.57 10.76 16.94
CA LEU B 399 -21.98 9.58 17.56
C LEU B 399 -21.45 9.91 18.96
N LEU B 400 -20.83 11.07 19.11
CA LEU B 400 -20.26 11.46 20.40
C LEU B 400 -21.38 11.73 21.34
N GLN B 401 -22.46 12.20 20.76
CA GLN B 401 -23.64 12.53 21.50
C GLN B 401 -24.30 11.24 22.00
N GLU B 402 -24.41 10.27 21.13
CA GLU B 402 -25.07 9.04 21.53
C GLU B 402 -24.25 7.89 22.03
N SER B 403 -23.02 7.78 21.57
CA SER B 403 -22.16 6.65 21.96
C SER B 403 -20.71 7.05 22.17
N GLY B 404 -20.53 8.11 22.96
CA GLY B 404 -19.22 8.66 23.26
C GLY B 404 -18.25 7.57 23.62
N ASN B 405 -18.63 6.77 24.59
CA ASN B 405 -17.76 5.70 25.00
C ASN B 405 -17.42 4.68 23.90
N GLY B 406 -18.39 4.41 23.02
CA GLY B 406 -18.18 3.47 21.93
C GLY B 406 -17.11 4.03 21.03
N PHE B 407 -17.23 5.33 20.78
CA PHE B 407 -16.31 6.01 19.92
C PHE B 407 -14.94 6.01 20.54
N VAL B 408 -14.91 6.34 21.82
CA VAL B 408 -13.66 6.38 22.53
C VAL B 408 -12.94 5.04 22.43
N ARG B 409 -13.64 4.02 22.86
CA ARG B 409 -13.10 2.66 22.85
C ARG B 409 -12.74 2.28 21.43
N HIS B 410 -13.58 2.70 20.50
CA HIS B 410 -13.31 2.44 19.11
C HIS B 410 -12.08 3.18 18.63
N ASN B 411 -11.74 4.27 19.28
CA ASN B 411 -10.58 5.00 18.81
C ASN B 411 -9.28 4.58 19.43
N VAL B 412 -9.33 3.61 20.33
CA VAL B 412 -8.13 3.14 20.99
C VAL B 412 -7.18 2.41 20.05
N SER B 413 -7.75 1.57 19.19
CA SER B 413 -6.93 0.78 18.28
C SER B 413 -7.18 1.08 16.81
N CYS B 414 -8.17 1.94 16.57
CA CYS B 414 -8.50 2.34 15.21
C CYS B 414 -8.39 3.83 15.01
N LEU B 415 -7.85 4.23 13.87
CA LEU B 415 -7.77 5.61 13.51
C LEU B 415 -9.13 6.01 12.93
N SER B 416 -9.60 7.21 13.29
CA SER B 416 -10.84 7.79 12.76
C SER B 416 -10.50 9.16 12.19
N ARG B 417 -11.08 9.48 11.05
CA ARG B 417 -10.87 10.76 10.45
C ARG B 417 -12.16 11.55 10.55
N ILE B 418 -12.04 12.81 10.95
CA ILE B 418 -13.19 13.71 11.04
C ILE B 418 -12.92 14.85 10.09
N TYR B 419 -13.97 15.29 9.39
CA TYR B 419 -13.82 16.41 8.47
C TYR B 419 -14.98 17.39 8.62
N PRO B 420 -14.75 18.62 8.18
CA PRO B 420 -15.72 19.68 8.34
C PRO B 420 -17.07 19.43 7.68
N ALA B 421 -18.13 19.92 8.31
CA ALA B 421 -19.46 19.84 7.75
C ALA B 421 -19.56 20.48 6.35
N GLY B 422 -20.42 19.92 5.52
CA GLY B 422 -20.59 20.35 4.13
C GLY B 422 -20.93 21.81 3.99
N TRP B 423 -21.70 22.34 4.93
CA TRP B 423 -22.06 23.75 4.88
C TRP B 423 -20.92 24.73 5.08
N ARG B 424 -19.74 24.23 5.46
CA ARG B 424 -18.61 25.11 5.70
C ARG B 424 -17.90 25.43 4.42
N THR B 425 -18.67 25.89 3.45
CA THR B 425 -18.11 26.23 2.15
C THR B 425 -17.18 27.42 2.19
N ASP B 426 -17.19 28.10 3.33
CA ASP B 426 -16.28 29.23 3.57
C ASP B 426 -14.96 28.72 4.12
N SER B 427 -14.85 27.40 4.23
CA SER B 427 -13.65 26.80 4.77
C SER B 427 -13.51 27.14 6.26
N SER B 428 -14.63 27.43 6.91
CA SER B 428 -14.60 27.72 8.31
C SER B 428 -14.21 26.39 8.97
N ASN B 429 -13.86 26.42 10.26
CA ASN B 429 -13.43 25.22 11.00
C ASN B 429 -14.28 25.01 12.25
N TYR B 430 -14.42 23.76 12.65
CA TYR B 430 -15.16 23.41 13.85
C TYR B 430 -14.12 23.26 14.97
N SER B 431 -14.56 23.08 16.20
CA SER B 431 -13.62 22.94 17.30
C SER B 431 -13.02 21.57 17.29
N PRO B 432 -11.71 21.47 17.23
CA PRO B 432 -11.07 20.16 17.21
C PRO B 432 -11.22 19.45 18.56
N VAL B 433 -11.24 20.22 19.61
CA VAL B 433 -11.32 19.68 20.94
C VAL B 433 -12.46 18.73 21.14
N GLU B 434 -13.61 19.07 20.63
CA GLU B 434 -14.74 18.19 20.82
C GLU B 434 -14.46 16.84 20.19
N MET B 435 -13.59 16.81 19.19
CA MET B 435 -13.29 15.54 18.55
C MET B 435 -12.22 14.79 19.33
N TRP B 436 -11.22 15.52 19.78
CA TRP B 436 -10.17 14.91 20.56
C TRP B 436 -10.77 14.33 21.84
N ASN B 437 -11.83 14.94 22.35
CA ASN B 437 -12.39 14.41 23.58
C ASN B 437 -13.01 13.07 23.40
N GLY B 438 -13.06 12.62 22.16
CA GLY B 438 -13.61 11.31 21.88
C GLY B 438 -12.49 10.36 21.37
N GLY B 439 -11.27 10.84 21.42
CA GLY B 439 -10.16 10.01 21.00
C GLY B 439 -9.93 10.10 19.53
N CYS B 440 -10.69 10.94 18.82
CA CYS B 440 -10.51 11.05 17.37
C CYS B 440 -9.16 11.63 17.08
N GLN B 441 -8.42 10.97 16.21
CA GLN B 441 -7.07 11.38 15.98
C GLN B 441 -6.76 12.15 14.73
N ILE B 442 -7.46 11.82 13.66
CA ILE B 442 -7.25 12.52 12.40
C ILE B 442 -8.37 13.55 12.17
N VAL B 443 -8.35 14.58 13.01
CA VAL B 443 -9.32 15.64 13.01
C VAL B 443 -8.86 16.68 11.98
N ALA B 444 -9.37 16.57 10.75
CA ALA B 444 -8.96 17.42 9.63
C ALA B 444 -9.60 18.80 9.65
N LEU B 445 -8.79 19.84 9.58
CA LEU B 445 -9.27 21.22 9.62
C LEU B 445 -8.79 21.86 8.36
N ASN B 446 -9.38 23.02 8.03
CA ASN B 446 -8.95 23.76 6.87
C ASN B 446 -7.78 24.61 7.34
N PHE B 447 -6.58 24.15 7.05
CA PHE B 447 -5.39 24.82 7.50
C PHE B 447 -5.23 26.23 6.99
N GLN B 448 -5.97 26.58 5.96
CA GLN B 448 -5.84 27.92 5.38
C GLN B 448 -6.66 28.99 6.08
N THR B 449 -7.50 28.58 7.01
CA THR B 449 -8.37 29.50 7.69
C THR B 449 -7.98 29.89 9.12
N PRO B 450 -7.62 31.17 9.33
CA PRO B 450 -7.25 31.67 10.67
C PRO B 450 -8.43 31.62 11.57
N GLY B 451 -8.17 31.40 12.85
CA GLY B 451 -9.25 31.37 13.82
C GLY B 451 -8.86 30.60 15.06
N PRO B 452 -9.67 30.76 16.06
CA PRO B 452 -9.47 30.10 17.35
C PRO B 452 -9.29 28.60 17.17
N GLU B 453 -9.95 28.06 16.16
CA GLU B 453 -9.92 26.62 15.89
C GLU B 453 -8.56 26.20 15.47
N MET B 454 -7.98 26.86 14.48
CA MET B 454 -6.62 26.52 14.09
C MET B 454 -5.61 26.94 15.19
N ASP B 455 -5.98 27.97 15.96
CA ASP B 455 -5.13 28.45 17.01
C ASP B 455 -4.99 27.32 18.01
N VAL B 456 -6.12 26.77 18.43
CA VAL B 456 -6.08 25.69 19.39
C VAL B 456 -5.43 24.45 18.81
N TYR B 457 -5.56 24.28 17.50
CA TYR B 457 -5.02 23.12 16.83
C TYR B 457 -3.53 23.16 16.83
N LEU B 458 -3.00 24.28 16.39
CA LEU B 458 -1.56 24.41 16.33
C LEU B 458 -0.98 24.54 17.72
N GLY B 459 -1.81 24.85 18.70
CA GLY B 459 -1.34 24.95 20.07
C GLY B 459 -1.05 23.56 20.52
N CYS B 460 -2.00 22.68 20.28
CA CYS B 460 -1.88 21.28 20.60
C CYS B 460 -0.69 20.68 19.90
N PHE B 461 -0.50 20.99 18.64
CA PHE B 461 0.60 20.40 17.93
C PHE B 461 1.94 21.04 18.07
N GLN B 462 2.01 22.03 18.95
CA GLN B 462 3.26 22.73 19.23
C GLN B 462 3.90 21.77 20.24
N ASP B 463 3.05 21.04 20.93
CA ASP B 463 3.50 20.08 21.88
C ASP B 463 4.26 18.97 21.17
N ASN B 464 4.99 18.19 21.97
CA ASN B 464 5.81 17.10 21.47
C ASN B 464 6.70 17.51 20.35
N GLY B 465 7.31 18.65 20.51
CA GLY B 465 8.27 19.06 19.51
C GLY B 465 7.67 19.41 18.21
N GLY B 466 6.35 19.54 18.18
CA GLY B 466 5.65 19.92 16.95
C GLY B 466 5.86 18.87 15.86
N CYS B 467 5.99 17.61 16.27
CA CYS B 467 6.25 16.55 15.30
C CYS B 467 4.99 16.08 14.58
N GLY B 468 3.84 16.44 15.14
CA GLY B 468 2.58 16.15 14.48
C GLY B 468 1.86 14.98 15.05
N TYR B 469 2.47 14.32 16.02
CA TYR B 469 1.88 13.17 16.66
C TYR B 469 1.99 13.42 18.13
N VAL B 470 0.85 13.50 18.79
CA VAL B 470 0.82 13.77 20.19
C VAL B 470 0.14 12.64 20.88
N LEU B 471 0.84 12.01 21.82
CA LEU B 471 0.29 10.87 22.51
C LEU B 471 -0.95 11.20 23.30
N LYS B 472 -1.98 10.38 23.16
CA LYS B 472 -3.21 10.58 23.88
C LYS B 472 -3.06 10.17 25.33
N PRO B 473 -3.92 10.72 26.19
CA PRO B 473 -3.91 10.36 27.60
C PRO B 473 -4.13 8.86 27.70
N ALA B 474 -3.54 8.28 28.72
CA ALA B 474 -3.63 6.85 28.92
C ALA B 474 -5.05 6.38 28.93
N PHE B 475 -5.92 7.05 29.67
CA PHE B 475 -7.28 6.59 29.71
C PHE B 475 -7.90 6.55 28.35
N LEU B 476 -7.33 7.26 27.39
CA LEU B 476 -7.92 7.21 26.05
C LEU B 476 -7.21 6.15 25.28
N ARG B 477 -6.24 5.53 25.91
CA ARG B 477 -5.48 4.46 25.26
C ARG B 477 -5.85 3.13 25.91
N ASP B 478 -6.89 3.15 26.72
CA ASP B 478 -7.36 1.96 27.42
C ASP B 478 -8.60 1.40 26.76
N PRO B 479 -8.42 0.27 26.07
CA PRO B 479 -9.50 -0.40 25.37
C PRO B 479 -10.70 -0.64 26.24
N ASN B 480 -10.51 -0.50 27.53
CA ASN B 480 -11.63 -0.69 28.41
C ASN B 480 -12.12 0.53 29.18
N THR B 481 -11.64 1.74 28.83
CA THR B 481 -12.10 2.93 29.57
C THR B 481 -13.57 3.01 29.54
N THR B 482 -14.14 3.61 30.56
CA THR B 482 -15.55 3.83 30.55
C THR B 482 -15.70 5.33 30.40
N PHE B 483 -14.65 5.99 29.93
CA PHE B 483 -14.65 7.45 29.77
C PHE B 483 -15.63 7.94 28.74
N ASN B 484 -16.31 9.03 29.08
CA ASN B 484 -17.20 9.71 28.17
C ASN B 484 -17.15 11.15 28.60
N SER B 485 -16.39 11.94 27.87
CA SER B 485 -16.20 13.35 28.17
C SER B 485 -17.50 14.06 28.41
N ARG B 486 -18.58 13.55 27.83
CA ARG B 486 -19.89 14.20 28.02
C ARG B 486 -20.68 13.71 29.23
N ALA B 487 -20.27 12.59 29.80
CA ALA B 487 -20.93 12.03 30.99
C ALA B 487 -19.82 11.59 31.93
N LEU B 488 -19.21 12.57 32.58
CA LEU B 488 -18.09 12.33 33.45
C LEU B 488 -18.40 11.59 34.76
N THR B 489 -17.62 10.56 35.01
CA THR B 489 -17.72 9.77 36.24
C THR B 489 -16.31 9.71 36.80
N GLN B 490 -16.19 9.09 37.96
CA GLN B 490 -14.90 8.96 38.57
C GLN B 490 -14.04 8.01 37.74
N GLY B 491 -12.75 8.32 37.68
CA GLY B 491 -11.82 7.53 36.90
C GLY B 491 -10.57 8.34 36.82
N PRO B 492 -9.53 7.74 36.28
CA PRO B 492 -8.22 8.36 36.12
C PRO B 492 -8.22 9.75 35.47
N TRP B 493 -9.14 9.99 34.55
CA TRP B 493 -9.19 11.26 33.86
C TRP B 493 -9.59 12.41 34.78
N TRP B 494 -10.29 12.07 35.84
CA TRP B 494 -10.77 13.02 36.78
C TRP B 494 -9.68 13.41 37.77
N ARG B 495 -9.06 14.57 37.56
CA ARG B 495 -7.98 15.05 38.40
C ARG B 495 -8.06 16.54 38.47
N PRO B 496 -9.04 17.03 39.18
CA PRO B 496 -9.29 18.45 39.27
C PRO B 496 -8.13 19.26 39.80
N GLU B 497 -7.89 20.37 39.14
CA GLU B 497 -6.83 21.26 39.51
C GLU B 497 -7.43 22.66 39.57
N ARG B 498 -6.74 23.54 40.25
CA ARG B 498 -7.14 24.91 40.43
C ARG B 498 -6.07 25.73 39.69
N LEU B 499 -6.45 26.40 38.62
CA LEU B 499 -5.48 27.19 37.87
C LEU B 499 -5.70 28.65 38.18
N ARG B 500 -4.61 29.38 38.41
CA ARG B 500 -4.72 30.81 38.64
C ARG B 500 -3.84 31.39 37.60
N VAL B 501 -4.39 32.37 36.91
CA VAL B 501 -3.65 33.02 35.89
C VAL B 501 -3.79 34.49 36.16
N ARG B 502 -2.66 35.16 36.34
CA ARG B 502 -2.69 36.58 36.57
C ARG B 502 -2.13 37.21 35.35
N ILE B 503 -2.94 38.06 34.72
CA ILE B 503 -2.48 38.75 33.55
C ILE B 503 -1.91 40.01 34.14
N ILE B 504 -0.60 40.16 34.05
CA ILE B 504 0.04 41.30 34.67
C ILE B 504 0.11 42.46 33.74
N SER B 505 0.89 42.28 32.69
CA SER B 505 1.09 43.34 31.73
C SER B 505 1.32 42.76 30.35
N GLY B 506 1.41 43.67 29.36
CA GLY B 506 1.68 43.32 27.98
C GLY B 506 2.86 44.14 27.51
N GLN B 507 3.63 43.58 26.59
CA GLN B 507 4.79 44.25 26.03
C GLN B 507 4.69 44.32 24.53
N GLN B 508 4.76 45.53 24.01
CA GLN B 508 4.80 45.75 22.59
C GLN B 508 3.82 44.95 21.78
N LEU B 509 2.55 45.11 22.10
CA LEU B 509 1.51 44.45 21.36
C LEU B 509 1.53 45.00 19.94
N PRO B 510 1.48 44.08 18.97
CA PRO B 510 1.47 44.43 17.55
C PRO B 510 0.33 45.38 17.16
N LYS B 511 0.69 46.46 16.47
CA LYS B 511 -0.27 47.45 16.02
C LYS B 511 -0.89 46.79 14.81
N VAL B 512 -2.17 46.50 14.92
CA VAL B 512 -2.88 45.79 13.89
C VAL B 512 -2.96 46.52 12.58
N ASN B 513 -4.02 46.17 11.85
CA ASN B 513 -4.34 46.75 10.55
C ASN B 513 -4.20 48.26 10.57
N LYS B 514 -4.78 48.87 11.62
CA LYS B 514 -4.80 50.32 11.80
C LYS B 514 -3.51 51.01 11.41
N ASN B 515 -3.66 52.17 10.79
CA ASN B 515 -2.53 52.92 10.28
C ASN B 515 -2.02 54.09 11.15
N LYS B 516 -0.72 54.31 11.03
CA LYS B 516 -0.04 55.39 11.71
C LYS B 516 -0.02 55.24 13.18
N ASN B 517 -0.43 56.36 13.77
CA ASN B 517 -0.48 56.60 15.17
C ASN B 517 -1.49 55.78 15.95
N SER B 518 -2.68 55.55 15.38
CA SER B 518 -3.77 54.77 16.04
C SER B 518 -3.29 53.63 16.95
N ILE B 519 -3.23 53.96 18.26
CA ILE B 519 -2.73 53.07 19.31
C ILE B 519 -3.81 52.18 19.83
N VAL B 520 -3.43 50.95 20.13
CA VAL B 520 -4.31 49.91 20.64
C VAL B 520 -4.97 50.12 21.99
N ASP B 521 -6.15 49.56 22.15
CA ASP B 521 -6.85 49.63 23.41
C ASP B 521 -7.02 48.17 23.84
N PRO B 522 -5.93 47.58 24.29
CA PRO B 522 -5.89 46.18 24.59
C PRO B 522 -6.67 45.66 25.75
N LYS B 523 -7.14 44.43 25.56
CA LYS B 523 -7.85 43.67 26.58
C LYS B 523 -7.44 42.20 26.36
N VAL B 524 -7.46 41.40 27.42
CA VAL B 524 -7.00 40.02 27.26
C VAL B 524 -8.07 39.11 27.69
N ILE B 525 -8.18 38.01 26.96
CA ILE B 525 -9.20 37.00 27.23
C ILE B 525 -8.46 35.71 27.47
N VAL B 526 -8.89 35.01 28.50
CA VAL B 526 -8.21 33.77 28.86
C VAL B 526 -9.27 32.73 28.78
N GLU B 527 -8.99 31.69 28.02
CA GLU B 527 -9.98 30.64 27.87
C GLU B 527 -9.43 29.27 28.23
N ILE B 528 -10.33 28.46 28.75
CA ILE B 528 -10.01 27.10 29.01
C ILE B 528 -10.81 26.29 27.98
N HIS B 529 -10.10 25.49 27.21
CA HIS B 529 -10.72 24.60 26.26
C HIS B 529 -10.48 23.17 26.77
N GLY B 530 -11.50 22.34 26.75
CA GLY B 530 -11.35 20.97 27.22
C GLY B 530 -12.69 20.27 27.22
N VAL B 531 -12.91 19.39 28.18
CA VAL B 531 -14.18 18.71 28.24
C VAL B 531 -15.16 19.79 28.52
N GLY B 532 -16.39 19.57 28.09
CA GLY B 532 -17.47 20.54 28.21
C GLY B 532 -17.55 21.24 29.52
N ARG B 533 -17.48 20.48 30.58
CA ARG B 533 -17.59 21.03 31.90
C ARG B 533 -16.44 21.97 32.33
N ASP B 534 -15.32 21.92 31.63
CA ASP B 534 -14.20 22.76 32.02
C ASP B 534 -14.08 23.99 31.18
N THR B 535 -14.82 24.04 30.07
CA THR B 535 -14.70 25.18 29.18
C THR B 535 -15.06 26.47 29.93
N GLY B 536 -14.24 27.50 29.75
CA GLY B 536 -14.47 28.75 30.47
C GLY B 536 -13.80 29.87 29.71
N SER B 537 -14.20 31.10 29.99
CA SER B 537 -13.58 32.25 29.33
C SER B 537 -13.71 33.45 30.24
N ARG B 538 -12.68 34.27 30.30
CA ARG B 538 -12.75 35.45 31.16
C ARG B 538 -12.00 36.53 30.48
N GLN B 539 -12.31 37.77 30.82
CA GLN B 539 -11.58 38.87 30.19
C GLN B 539 -11.17 40.00 31.13
N THR B 540 -10.03 40.61 30.84
CA THR B 540 -9.55 41.72 31.62
C THR B 540 -10.34 42.93 31.17
N ALA B 541 -10.02 44.07 31.73
CA ALA B 541 -10.69 45.27 31.32
C ALA B 541 -9.86 45.76 30.15
N VAL B 542 -10.29 46.85 29.52
CA VAL B 542 -9.54 47.43 28.41
C VAL B 542 -8.59 48.52 28.93
N ILE B 543 -7.38 48.55 28.43
CA ILE B 543 -6.46 49.59 28.80
C ILE B 543 -6.52 50.44 27.57
N THR B 544 -6.83 51.71 27.73
CA THR B 544 -6.95 52.56 26.56
C THR B 544 -5.66 53.17 26.09
N ASN B 545 -5.44 53.12 24.80
CA ASN B 545 -4.27 53.71 24.19
C ASN B 545 -2.94 53.23 24.70
N ASN B 546 -2.77 51.92 24.82
CA ASN B 546 -1.48 51.41 25.22
C ASN B 546 -1.24 50.04 24.72
N GLY B 547 -0.30 49.89 23.81
CA GLY B 547 0.02 48.59 23.30
C GLY B 547 1.44 48.30 23.69
N PHE B 548 2.14 49.34 24.12
CA PHE B 548 3.53 49.19 24.49
C PHE B 548 3.79 48.48 25.81
N ASN B 549 3.00 48.85 26.81
CA ASN B 549 3.18 48.29 28.13
C ASN B 549 1.93 48.39 28.95
N PRO B 550 0.83 47.97 28.37
CA PRO B 550 -0.41 47.97 29.11
C PRO B 550 -0.24 47.10 30.36
N ARG B 551 -0.89 47.48 31.46
CA ARG B 551 -0.79 46.73 32.70
C ARG B 551 -2.16 46.43 33.21
N TRP B 552 -2.47 45.15 33.34
CA TRP B 552 -3.79 44.78 33.82
C TRP B 552 -3.79 44.35 35.26
N ASP B 553 -2.81 43.53 35.63
CA ASP B 553 -2.72 43.00 36.98
C ASP B 553 -4.04 42.41 37.43
N MET B 554 -4.59 41.54 36.59
CA MET B 554 -5.86 40.91 36.88
C MET B 554 -5.73 39.39 36.86
N GLU B 555 -6.32 38.77 37.85
CA GLU B 555 -6.20 37.36 38.03
C GLU B 555 -7.49 36.63 37.97
N PHE B 556 -7.45 35.54 37.23
CA PHE B 556 -8.63 34.69 37.08
C PHE B 556 -8.26 33.31 37.61
N GLU B 557 -9.23 32.62 38.15
CA GLU B 557 -9.01 31.28 38.62
C GLU B 557 -10.03 30.35 37.98
N PHE B 558 -9.57 29.20 37.53
CA PHE B 558 -10.46 28.24 36.90
C PHE B 558 -10.29 26.91 37.54
N GLU B 559 -11.36 26.15 37.57
CA GLU B 559 -11.28 24.80 38.06
C GLU B 559 -11.34 23.86 36.88
N VAL B 560 -10.33 23.01 36.74
CA VAL B 560 -10.26 22.09 35.62
C VAL B 560 -10.28 20.64 36.07
N THR B 561 -11.36 19.95 35.74
CA THR B 561 -11.54 18.59 36.18
C THR B 561 -10.84 17.49 35.37
N VAL B 562 -10.58 17.75 34.08
CA VAL B 562 -9.92 16.79 33.23
C VAL B 562 -8.80 17.50 32.50
N PRO B 563 -7.83 17.91 33.27
CA PRO B 563 -6.71 18.66 32.73
C PRO B 563 -6.00 18.03 31.57
N ASP B 564 -6.07 16.71 31.49
CA ASP B 564 -5.34 16.02 30.46
C ASP B 564 -5.86 16.29 29.09
N LEU B 565 -7.07 16.83 29.04
CA LEU B 565 -7.70 17.17 27.77
C LEU B 565 -7.85 18.69 27.56
N ALA B 566 -7.29 19.49 28.48
CA ALA B 566 -7.42 20.93 28.46
C ALA B 566 -6.29 21.71 27.83
N LEU B 567 -6.63 22.89 27.34
CA LEU B 567 -5.66 23.81 26.75
C LEU B 567 -6.07 25.18 27.28
N VAL B 568 -5.09 26.04 27.46
CA VAL B 568 -5.35 27.35 27.99
C VAL B 568 -4.99 28.33 26.91
N ARG B 569 -5.92 29.22 26.59
CA ARG B 569 -5.64 30.12 25.52
C ARG B 569 -5.68 31.57 25.96
N PHE B 570 -4.73 32.33 25.44
CA PHE B 570 -4.64 33.74 25.72
C PHE B 570 -4.88 34.45 24.42
N MET B 571 -5.87 35.30 24.43
CA MET B 571 -6.16 36.09 23.24
C MET B 571 -6.21 37.57 23.56
N VAL B 572 -5.52 38.36 22.76
CA VAL B 572 -5.52 39.79 22.97
C VAL B 572 -6.27 40.50 21.86
N GLU B 573 -7.22 41.33 22.25
CA GLU B 573 -8.02 42.07 21.30
C GLU B 573 -7.86 43.56 21.46
N ASP B 574 -8.11 44.25 20.36
CA ASP B 574 -8.09 45.69 20.38
C ASP B 574 -9.53 46.09 20.49
N TYR B 575 -9.89 46.67 21.60
CA TYR B 575 -11.25 47.09 21.81
C TYR B 575 -11.69 48.31 20.95
N ASP B 576 -12.86 48.18 20.32
CA ASP B 576 -13.43 49.23 19.50
C ASP B 576 -14.88 49.25 19.90
N SER B 577 -15.40 50.43 20.26
CA SER B 577 -16.78 50.56 20.73
C SER B 577 -17.79 50.35 19.63
N SER B 578 -17.50 50.98 18.50
CA SER B 578 -18.33 50.97 17.30
C SER B 578 -18.24 49.70 16.43
N SER B 579 -17.03 49.16 16.28
CA SER B 579 -16.80 47.95 15.48
C SER B 579 -16.41 46.71 16.30
N LYS B 580 -16.20 45.60 15.61
CA LYS B 580 -15.79 44.37 16.28
C LYS B 580 -14.35 44.55 16.71
N ASN B 581 -14.01 44.01 17.89
CA ASN B 581 -12.67 44.15 18.41
C ASN B 581 -11.65 43.38 17.60
N ASP B 582 -10.67 44.09 17.10
CA ASP B 582 -9.62 43.48 16.31
C ASP B 582 -8.79 42.50 17.14
N PHE B 583 -8.36 41.44 16.49
CA PHE B 583 -7.57 40.43 17.13
C PHE B 583 -6.16 40.97 17.04
N ILE B 584 -5.46 40.93 18.17
CA ILE B 584 -4.10 41.43 18.24
C ILE B 584 -3.12 40.29 18.23
N GLY B 585 -3.34 39.31 19.07
CA GLY B 585 -2.38 38.21 19.14
C GLY B 585 -2.99 37.12 19.99
N GLN B 586 -2.35 35.95 19.96
CA GLN B 586 -2.91 34.83 20.73
C GLN B 586 -1.84 33.81 21.05
N SER B 587 -2.17 32.94 21.99
CA SER B 587 -1.32 31.82 22.32
C SER B 587 -2.17 30.80 23.04
N THR B 588 -1.99 29.56 22.64
CA THR B 588 -2.73 28.42 23.19
C THR B 588 -1.71 27.41 23.69
N ILE B 589 -1.86 27.00 24.95
CA ILE B 589 -0.90 26.10 25.56
C ILE B 589 -1.58 24.89 26.14
N PRO B 590 -1.16 23.72 25.70
CA PRO B 590 -1.75 22.47 26.21
C PRO B 590 -1.48 22.43 27.71
N TRP B 591 -2.48 22.05 28.49
CA TRP B 591 -2.37 22.02 29.93
C TRP B 591 -1.04 21.54 30.53
N ASN B 592 -0.64 20.34 30.19
CA ASN B 592 0.62 19.80 30.71
C ASN B 592 1.85 20.47 30.19
N SER B 593 1.72 21.51 29.40
CA SER B 593 2.92 22.18 28.90
C SER B 593 2.94 23.57 29.49
N LEU B 594 1.94 23.83 30.32
CA LEU B 594 1.79 25.14 30.92
C LEU B 594 2.75 25.32 32.07
N LYS B 595 3.78 26.14 31.90
CA LYS B 595 4.74 26.35 32.98
C LYS B 595 4.22 27.27 34.09
N GLN B 596 4.75 27.13 35.30
CA GLN B 596 4.30 27.96 36.41
C GLN B 596 5.23 29.08 36.80
N GLY B 597 4.68 29.98 37.63
CA GLY B 597 5.43 31.13 38.10
C GLY B 597 5.33 32.28 37.14
N TYR B 598 6.39 33.05 37.06
CA TYR B 598 6.43 34.20 36.20
C TYR B 598 6.86 33.77 34.84
N ARG B 599 6.02 34.05 33.85
CA ARG B 599 6.37 33.69 32.49
C ARG B 599 5.87 34.69 31.54
N HIS B 600 6.42 34.62 30.36
CA HIS B 600 5.95 35.45 29.29
C HIS B 600 5.22 34.53 28.28
N VAL B 601 4.05 35.00 27.84
CA VAL B 601 3.27 34.28 26.82
C VAL B 601 3.64 34.98 25.53
N HIS B 602 4.24 34.25 24.59
CA HIS B 602 4.67 34.80 23.29
C HIS B 602 3.56 34.76 22.26
N LEU B 603 3.01 35.93 21.95
CA LEU B 603 1.87 36.09 21.07
C LEU B 603 2.11 35.79 19.62
N LEU B 604 1.13 35.10 19.03
CA LEU B 604 1.17 34.74 17.62
C LEU B 604 0.10 35.53 16.85
N SER B 605 0.39 35.73 15.57
CA SER B 605 -0.52 36.39 14.63
C SER B 605 -1.67 35.46 14.22
N LYS B 606 -2.61 36.00 13.47
CA LYS B 606 -3.78 35.25 12.96
C LYS B 606 -3.32 34.02 12.21
N ASN B 607 -2.23 34.17 11.49
CA ASN B 607 -1.66 33.11 10.65
C ASN B 607 -0.71 32.21 11.39
N GLY B 608 -0.64 32.38 12.70
CA GLY B 608 0.21 31.56 13.52
C GLY B 608 1.64 31.97 13.42
N ASP B 609 1.90 33.17 12.93
CA ASP B 609 3.29 33.62 12.89
C ASP B 609 3.69 34.22 14.24
N GLN B 610 4.98 34.11 14.53
CA GLN B 610 5.54 34.66 15.75
C GLN B 610 5.58 36.19 15.71
N HIS B 611 5.44 36.76 16.88
CA HIS B 611 5.52 38.19 17.03
C HIS B 611 6.67 38.30 18.01
N PRO B 612 7.87 38.31 17.45
CA PRO B 612 9.11 38.34 18.19
C PRO B 612 9.15 39.16 19.50
N SER B 613 8.51 40.33 19.53
CA SER B 613 8.54 41.15 20.72
C SER B 613 7.20 41.26 21.42
N ALA B 614 6.17 40.67 20.84
CA ALA B 614 4.87 40.79 21.48
C ALA B 614 4.67 39.71 22.55
N THR B 615 4.47 40.14 23.79
CA THR B 615 4.28 39.17 24.87
C THR B 615 3.32 39.64 25.87
N LEU B 616 2.97 38.72 26.75
CA LEU B 616 2.16 39.02 27.91
C LEU B 616 3.02 38.48 29.07
N PHE B 617 3.02 39.19 30.18
CA PHE B 617 3.76 38.72 31.32
C PHE B 617 2.73 38.25 32.30
N VAL B 618 2.84 37.01 32.74
CA VAL B 618 1.84 36.50 33.64
C VAL B 618 2.47 35.73 34.78
N LYS B 619 1.63 35.38 35.73
CA LYS B 619 2.07 34.54 36.80
C LYS B 619 1.04 33.44 36.88
N ILE B 620 1.52 32.22 36.69
CA ILE B 620 0.63 31.06 36.69
C ILE B 620 0.84 30.17 37.91
N SER B 621 -0.23 29.60 38.37
CA SER B 621 -0.12 28.70 39.47
C SER B 621 -1.13 27.60 39.30
N ILE B 622 -0.68 26.38 39.45
CA ILE B 622 -1.59 25.24 39.34
C ILE B 622 -1.51 24.46 40.64
N GLN B 623 -2.62 24.33 41.33
CA GLN B 623 -2.60 23.64 42.60
C GLN B 623 -3.73 22.64 42.62
N ASP B 624 -3.97 22.01 43.75
CA ASP B 624 -5.06 21.04 43.85
C ASP B 624 -6.26 21.52 44.67
CA CA C . -15.25 -40.30 -28.52
CA CA D . 3.68 -3.27 -40.32
C ACT E . -2.92 -19.41 -29.96
O ACT E . -2.15 -20.32 -29.55
OXT ACT E . -3.44 -18.55 -29.22
CH3 ACT E . -3.23 -19.35 -31.45
C1 I3P F . -18.57 -37.85 -26.41
C2 I3P F . -17.05 -37.79 -26.39
C3 I3P F . -16.52 -38.15 -24.98
C4 I3P F . -17.13 -39.47 -24.48
C5 I3P F . -18.67 -39.54 -24.62
C6 I3P F . -19.10 -39.21 -26.04
O1 I3P F . -19.03 -37.72 -27.73
O2 I3P F . -16.54 -38.71 -27.32
O3 I3P F . -15.07 -38.17 -24.93
O4 I3P F . -16.80 -39.63 -23.11
O5 I3P F . -19.02 -40.92 -24.49
O6 I3P F . -20.53 -39.20 -26.15
P1 I3P F . -18.41 -36.64 -28.66
O11 I3P F . -17.08 -37.16 -29.20
O12 I3P F . -18.23 -35.26 -28.01
O13 I3P F . -19.31 -36.51 -29.87
P4 I3P F . -16.68 -41.02 -22.35
O41 I3P F . -17.98 -41.44 -21.66
O42 I3P F . -15.62 -40.80 -21.26
O43 I3P F . -16.33 -42.17 -23.28
P5 I3P F . -20.45 -41.40 -23.96
O51 I3P F . -21.62 -40.46 -24.26
O52 I3P F . -20.84 -42.78 -24.50
O53 I3P F . -20.31 -41.41 -22.45
CA CA G . -11.90 15.90 -0.45
CA CA H . -6.98 53.60 20.56
C ACT I . -7.64 34.14 15.47
O ACT I . -6.52 33.66 15.15
OXT ACT I . -8.31 33.74 16.45
CH3 ACT I . -8.22 35.25 14.61
C1 I3P J . -15.70 15.32 1.72
C2 I3P J . -14.26 15.69 2.17
C3 I3P J . -13.67 14.58 3.07
C4 I3P J . -13.80 13.19 2.39
C5 I3P J . -15.21 12.90 1.82
C6 I3P J . -15.75 14.03 0.93
O1 I3P J . -16.18 16.25 0.80
O2 I3P J . -13.41 15.96 1.06
O3 I3P J . -12.31 14.93 3.43
O4 I3P J . -13.62 12.20 3.41
O5 I3P J . -15.15 11.74 0.99
O6 I3P J . -17.13 13.84 0.67
P1 I3P J . -15.90 17.76 1.03
O11 I3P J . -14.44 18.05 0.71
O12 I3P J . -16.29 18.28 2.43
O13 I3P J . -16.66 18.50 -0.05
P4 I3P J . -12.82 10.83 3.23
O41 I3P J . -13.79 9.65 3.17
O42 I3P J . -11.87 10.65 4.41
O43 I3P J . -12.08 10.84 1.92
P5 I3P J . -16.25 10.59 1.14
O51 I3P J . -16.32 9.95 2.53
O52 I3P J . -17.65 11.10 0.86
O53 I3P J . -15.88 9.45 0.21
#